data_7H7Y
#
_entry.id   7H7Y
#
_cell.length_a   86.884
_cell.length_b   86.884
_cell.length_c   85.312
_cell.angle_alpha   90.00
_cell.angle_beta   90.00
_cell.angle_gamma   120.00
#
_symmetry.space_group_name_H-M   'P 31'
#
loop_
_entity.id
_entity.type
_entity.pdbx_description
1 polymer 'Non-structural protein 3'
2 non-polymer 'DIMETHYL SULFOXIDE'
3 non-polymer 2-AMINO-2-HYDROXYMETHYL-PROPANE-1,3-DIOL
4 non-polymer 'CHLORIDE ION'
5 non-polymer 1~{H}-1,2,3-triazole
6 water water
#
_entity_poly.entity_id   1
_entity_poly.type   'polypeptide(L)'
_entity_poly.pdbx_seq_one_letter_code
;GAMAPSYRVKRMDIAKNDEECVVNAANPRGLPGDGVCKAVYKKWPESFKNSATPVGTAKTVMCGTYPVIHAVGPNFSNYT
ESEGDRELAAAYREVAKEVTRLGVNSVAIPLLSTGVYSGGKDRLTQSLNHLFTAMDSTDADVVIYCRDKEWEKKISEAIQ
MRT
;
_entity_poly.pdbx_strand_id   A,B,C,D
#
loop_
_chem_comp.id
_chem_comp.type
_chem_comp.name
_chem_comp.formula
CL non-polymer 'CHLORIDE ION' 'Cl -1'
DMS non-polymer 'DIMETHYL SULFOXIDE' 'C2 H6 O S'
HUH non-polymer 1~{H}-1,2,3-triazole 'C2 H3 N3'
TRS non-polymer 2-AMINO-2-HYDROXYMETHYL-PROPANE-1,3-DIOL 'C4 H12 N O3 1'
#
# COMPACT_ATOMS: atom_id res chain seq x y z
N GLY A 1 19.08 -14.34 5.25
CA GLY A 1 18.57 -15.32 6.26
C GLY A 1 18.29 -14.67 7.59
N ALA A 2 17.48 -15.30 8.44
CA ALA A 2 17.30 -14.87 9.84
C ALA A 2 18.55 -15.12 10.65
N MET A 3 18.89 -14.30 11.65
CA MET A 3 20.14 -14.52 12.43
C MET A 3 20.12 -15.88 13.18
N ALA A 4 18.95 -16.27 13.64
CA ALA A 4 18.76 -17.53 14.41
C ALA A 4 17.42 -18.10 14.00
N PRO A 5 17.37 -18.73 12.80
CA PRO A 5 16.09 -19.17 12.26
C PRO A 5 15.23 -19.93 13.26
N SER A 6 13.96 -19.56 13.38
CA SER A 6 13.05 -20.05 14.41
C SER A 6 11.74 -20.48 13.78
N TYR A 7 10.98 -21.25 14.53
CA TYR A 7 9.53 -21.49 14.34
C TYR A 7 8.77 -20.86 15.49
N ARG A 8 7.65 -20.26 15.17
CA ARG A 8 6.69 -19.69 16.13
C ARG A 8 5.30 -20.00 15.65
N VAL A 9 4.35 -19.94 16.57
CA VAL A 9 2.95 -20.12 16.20
C VAL A 9 2.14 -18.98 16.81
N LYS A 10 1.21 -18.47 16.01
CA LYS A 10 0.23 -17.45 16.50
C LYS A 10 -1.18 -17.85 16.12
N ARG A 11 -2.10 -17.58 17.02
CA ARG A 11 -3.53 -17.80 16.81
C ARG A 11 -4.17 -16.47 16.45
N MET A 12 -4.31 -16.26 15.15
CA MET A 12 -4.91 -15.03 14.59
C MET A 12 -5.02 -15.21 13.08
N ASP A 13 -5.67 -14.24 12.46
CA ASP A 13 -5.82 -14.16 10.99
C ASP A 13 -4.47 -13.90 10.32
N ILE A 14 -4.03 -14.80 9.45
CA ILE A 14 -2.76 -14.71 8.68
C ILE A 14 -2.76 -13.46 7.79
N ALA A 15 -3.92 -12.89 7.46
CA ALA A 15 -4.00 -11.61 6.73
C ALA A 15 -3.42 -10.45 7.56
N LYS A 16 -3.21 -10.59 8.87
CA LYS A 16 -2.64 -9.58 9.77
C LYS A 16 -1.20 -9.96 10.13
N ASN A 17 -0.54 -10.84 9.36
CA ASN A 17 0.82 -11.30 9.71
C ASN A 17 1.85 -10.16 9.71
N ASP A 18 2.94 -10.38 10.42
CA ASP A 18 4.10 -9.48 10.57
C ASP A 18 5.33 -10.08 9.90
N GLU A 19 5.14 -10.84 8.83
CA GLU A 19 6.25 -11.48 8.11
C GLU A 19 6.44 -10.88 6.72
N GLU A 20 7.53 -11.27 6.07
CA GLU A 20 7.91 -10.62 4.78
C GLU A 20 7.15 -11.20 3.59
N CYS A 21 6.46 -12.32 3.77
CA CYS A 21 5.62 -12.91 2.73
C CYS A 21 4.63 -13.84 3.41
N VAL A 22 3.63 -14.24 2.66
CA VAL A 22 2.54 -15.11 3.15
C VAL A 22 2.38 -16.29 2.23
N VAL A 23 2.03 -17.41 2.81
CA VAL A 23 1.60 -18.60 2.07
C VAL A 23 0.10 -18.66 2.15
N ASN A 24 -0.53 -18.71 1.01
CA ASN A 24 -1.97 -18.91 0.92
C ASN A 24 -2.26 -20.41 0.84
N ALA A 25 -3.24 -20.86 1.59
CA ALA A 25 -3.83 -22.22 1.43
C ALA A 25 -4.82 -22.15 0.27
N ALA A 26 -4.30 -22.18 -0.94
CA ALA A 26 -5.04 -21.86 -2.16
C ALA A 26 -5.81 -23.07 -2.67
N ASN A 27 -6.71 -22.75 -3.59
CA ASN A 27 -7.35 -23.79 -4.43
C ASN A 27 -6.66 -23.82 -5.77
N PRO A 28 -6.79 -24.90 -6.55
CA PRO A 28 -6.05 -24.99 -7.83
C PRO A 28 -6.46 -23.95 -8.88
N ARG A 29 -7.62 -23.33 -8.70
CA ARG A 29 -8.20 -22.47 -9.75
C ARG A 29 -7.98 -21.01 -9.48
N GLY A 30 -7.29 -20.64 -8.40
CA GLY A 30 -7.10 -19.22 -8.11
C GLY A 30 -8.38 -18.53 -7.76
N LEU A 31 -9.37 -19.25 -7.21
CA LEU A 31 -10.66 -18.67 -6.77
C LEU A 31 -10.53 -18.10 -5.37
N PRO A 32 -11.40 -17.13 -4.98
CA PRO A 32 -11.38 -16.60 -3.62
C PRO A 32 -11.50 -17.64 -2.52
N GLY A 33 -12.28 -18.70 -2.75
CA GLY A 33 -12.33 -19.83 -1.80
C GLY A 33 -12.93 -19.50 -0.46
N ASP A 34 -12.47 -20.20 0.57
CA ASP A 34 -13.02 -20.16 1.95
C ASP A 34 -11.85 -20.17 2.95
N GLY A 35 -12.11 -19.78 4.20
CA GLY A 35 -11.09 -19.84 5.28
C GLY A 35 -9.90 -18.92 5.00
N VAL A 36 -8.67 -19.44 5.14
CA VAL A 36 -7.43 -18.66 4.90
C VAL A 36 -7.51 -18.05 3.50
N CYS A 37 -7.93 -18.82 2.49
CA CYS A 37 -7.90 -18.35 1.08
C CYS A 37 -8.75 -17.09 0.93
N LYS A 38 -9.95 -17.09 1.53
CA LYS A 38 -10.85 -15.92 1.42
C LYS A 38 -10.23 -14.70 2.17
N ALA A 39 -9.56 -14.95 3.29
CA ALA A 39 -8.91 -13.85 4.06
C ALA A 39 -7.82 -13.24 3.19
N VAL A 40 -7.08 -14.11 2.53
CA VAL A 40 -5.93 -13.71 1.66
C VAL A 40 -6.52 -12.96 0.46
N TYR A 41 -7.66 -13.41 -0.09
CA TYR A 41 -8.25 -12.72 -1.24
C TYR A 41 -8.70 -11.31 -0.85
N LYS A 42 -9.23 -11.16 0.35
CA LYS A 42 -9.67 -9.80 0.80
C LYS A 42 -8.48 -8.88 1.01
N LYS A 43 -7.37 -9.43 1.50
CA LYS A 43 -6.21 -8.59 1.87
C LYS A 43 -5.30 -8.31 0.68
N TRP A 44 -5.13 -9.26 -0.21
CA TRP A 44 -4.18 -9.19 -1.34
C TRP A 44 -4.88 -9.63 -2.62
N PRO A 45 -6.02 -9.05 -3.02
CA PRO A 45 -6.72 -9.56 -4.19
C PRO A 45 -5.90 -9.51 -5.46
N GLU A 46 -5.00 -8.55 -5.57
CA GLU A 46 -4.12 -8.39 -6.75
C GLU A 46 -3.28 -9.66 -6.95
N SER A 47 -3.03 -10.41 -5.88
CA SER A 47 -2.15 -11.59 -5.95
C SER A 47 -2.86 -12.78 -6.61
N PHE A 48 -4.13 -12.62 -6.97
CA PHE A 48 -4.89 -13.74 -7.58
C PHE A 48 -4.87 -13.60 -9.10
N LYS A 49 -4.11 -12.67 -9.63
CA LYS A 49 -3.93 -12.62 -11.11
C LYS A 49 -3.08 -13.80 -11.56
N ASN A 50 -3.66 -14.75 -12.29
CA ASN A 50 -2.95 -15.95 -12.81
C ASN A 50 -2.25 -16.70 -11.66
N SER A 51 -2.99 -16.91 -10.59
CA SER A 51 -2.49 -17.71 -9.44
C SER A 51 -2.90 -19.19 -9.53
N ALA A 52 -3.77 -19.58 -10.44
CA ALA A 52 -4.14 -21.00 -10.64
C ALA A 52 -2.89 -21.85 -10.83
N THR A 53 -2.82 -23.01 -10.16
CA THR A 53 -1.65 -23.90 -10.19
C THR A 53 -2.14 -25.25 -9.70
N PRO A 54 -1.53 -26.35 -10.13
CA PRO A 54 -2.03 -27.68 -9.76
C PRO A 54 -1.81 -28.04 -8.30
N VAL A 55 -2.49 -29.09 -7.90
CA VAL A 55 -2.31 -29.65 -6.55
C VAL A 55 -0.85 -30.02 -6.40
N GLY A 56 -0.31 -29.81 -5.18
CA GLY A 56 1.07 -30.23 -4.89
C GLY A 56 2.10 -29.18 -5.31
N THR A 57 1.67 -28.04 -5.82
CA THR A 57 2.53 -26.94 -6.28
C THR A 57 2.30 -25.65 -5.55
N ALA A 58 3.26 -24.73 -5.75
CA ALA A 58 3.11 -23.38 -5.23
C ALA A 58 3.45 -22.40 -6.35
N LYS A 59 2.72 -21.33 -6.38
CA LYS A 59 2.89 -20.28 -7.39
C LYS A 59 2.87 -18.94 -6.67
N THR A 60 3.93 -18.14 -6.82
CA THR A 60 4.02 -16.85 -6.14
C THR A 60 3.51 -15.76 -7.09
N VAL A 61 2.68 -14.88 -6.59
CA VAL A 61 2.25 -13.65 -7.28
C VAL A 61 2.42 -12.50 -6.32
N MET A 62 3.05 -11.42 -6.79
N MET A 62 3.02 -11.43 -6.80
CA MET A 62 3.33 -10.22 -5.97
CA MET A 62 3.26 -10.21 -6.01
C MET A 62 2.06 -9.37 -5.87
C MET A 62 1.93 -9.47 -5.83
N CYS A 63 1.77 -8.87 -4.66
CA CYS A 63 0.77 -7.82 -4.42
C CYS A 63 1.58 -6.58 -4.05
N GLY A 64 1.79 -5.68 -5.01
CA GLY A 64 2.84 -4.66 -4.84
C GLY A 64 4.18 -5.29 -4.85
N THR A 65 4.93 -5.23 -3.75
CA THR A 65 6.19 -5.96 -3.60
C THR A 65 6.02 -7.09 -2.59
N TYR A 66 4.81 -7.28 -2.08
CA TYR A 66 4.58 -8.29 -1.01
C TYR A 66 4.26 -9.63 -1.67
N PRO A 67 5.08 -10.66 -1.48
CA PRO A 67 4.84 -11.95 -2.16
C PRO A 67 3.80 -12.82 -1.46
N VAL A 68 2.87 -13.28 -2.29
CA VAL A 68 1.82 -14.24 -1.86
C VAL A 68 2.13 -15.56 -2.54
N ILE A 69 2.51 -16.57 -1.77
CA ILE A 69 2.88 -17.90 -2.30
C ILE A 69 1.60 -18.74 -2.23
N HIS A 70 0.99 -18.98 -3.36
CA HIS A 70 -0.25 -19.80 -3.42
C HIS A 70 0.11 -21.27 -3.42
N ALA A 71 -0.08 -21.96 -2.31
CA ALA A 71 0.27 -23.38 -2.15
C ALA A 71 -1.00 -24.22 -2.15
N VAL A 72 -1.06 -25.17 -3.07
CA VAL A 72 -2.30 -25.95 -3.24
C VAL A 72 -2.14 -27.34 -2.64
N GLY A 73 -2.66 -27.50 -1.43
CA GLY A 73 -2.73 -28.81 -0.79
C GLY A 73 -3.86 -29.61 -1.42
N PRO A 74 -3.79 -30.93 -1.30
CA PRO A 74 -4.83 -31.84 -1.78
C PRO A 74 -6.08 -31.73 -0.90
N ASN A 75 -7.22 -31.91 -1.57
CA ASN A 75 -8.51 -32.07 -0.84
C ASN A 75 -8.67 -33.57 -0.55
N PHE A 76 -8.54 -33.98 0.70
CA PHE A 76 -8.62 -35.39 1.14
C PHE A 76 -10.03 -35.95 0.91
N SER A 77 -11.02 -35.15 0.53
CA SER A 77 -12.31 -35.73 0.05
C SER A 77 -12.08 -36.48 -1.28
N ASN A 78 -11.12 -36.07 -2.10
CA ASN A 78 -10.94 -36.58 -3.48
C ASN A 78 -9.76 -37.52 -3.60
N TYR A 79 -8.70 -37.27 -2.85
CA TYR A 79 -7.48 -38.08 -2.88
C TYR A 79 -7.62 -39.24 -1.89
N THR A 80 -6.96 -40.33 -2.20
CA THR A 80 -6.69 -41.41 -1.23
C THR A 80 -5.76 -40.86 -0.14
N GLU A 81 -5.78 -41.48 1.04
CA GLU A 81 -4.81 -41.06 2.11
C GLU A 81 -3.38 -41.08 1.58
N SER A 82 -2.98 -42.10 0.83
CA SER A 82 -1.61 -42.26 0.30
C SER A 82 -1.28 -41.11 -0.69
N GLU A 83 -2.14 -40.89 -1.68
CA GLU A 83 -1.82 -39.92 -2.72
C GLU A 83 -1.92 -38.52 -2.12
N GLY A 84 -2.88 -38.31 -1.24
CA GLY A 84 -3.04 -37.01 -0.58
C GLY A 84 -1.81 -36.72 0.24
N ASP A 85 -1.34 -37.70 0.98
CA ASP A 85 -0.14 -37.50 1.81
C ASP A 85 1.01 -37.07 0.90
N ARG A 86 1.23 -37.70 -0.26
CA ARG A 86 2.33 -37.36 -1.18
C ARG A 86 2.16 -35.91 -1.67
N GLU A 87 0.96 -35.51 -2.02
CA GLU A 87 0.74 -34.16 -2.61
C GLU A 87 0.90 -33.13 -1.51
N LEU A 88 0.49 -33.42 -0.28
CA LEU A 88 0.59 -32.45 0.82
C LEU A 88 2.09 -32.20 1.11
N ALA A 89 2.88 -33.26 1.19
CA ALA A 89 4.35 -33.13 1.32
C ALA A 89 4.92 -32.32 0.17
N ALA A 90 4.51 -32.56 -1.08
CA ALA A 90 5.04 -31.88 -2.26
C ALA A 90 4.69 -30.38 -2.21
N ALA A 91 3.48 -30.00 -1.82
CA ALA A 91 3.12 -28.58 -1.77
C ALA A 91 4.11 -27.88 -0.84
N TYR A 92 4.38 -28.44 0.33
CA TYR A 92 5.29 -27.74 1.27
C TYR A 92 6.71 -27.71 0.70
N ARG A 93 7.15 -28.75 -0.01
CA ARG A 93 8.51 -28.66 -0.63
C ARG A 93 8.54 -27.50 -1.62
N GLU A 94 7.48 -27.26 -2.41
CA GLU A 94 7.45 -26.14 -3.36
C GLU A 94 7.39 -24.83 -2.60
N VAL A 95 6.74 -24.75 -1.44
CA VAL A 95 6.77 -23.53 -0.62
C VAL A 95 8.22 -23.25 -0.22
N ALA A 96 8.95 -24.25 0.23
CA ALA A 96 10.34 -24.00 0.67
C ALA A 96 11.17 -23.49 -0.49
N LYS A 97 10.99 -23.98 -1.71
CA LYS A 97 11.71 -23.48 -2.91
C LYS A 97 11.38 -22.01 -3.12
N GLU A 98 10.10 -21.61 -3.04
CA GLU A 98 9.72 -20.22 -3.29
C GLU A 98 10.27 -19.32 -2.23
N VAL A 99 10.13 -19.70 -0.96
CA VAL A 99 10.64 -18.88 0.17
C VAL A 99 12.15 -18.66 -0.07
N THR A 100 12.85 -19.71 -0.44
CA THR A 100 14.31 -19.57 -0.71
C THR A 100 14.56 -18.60 -1.85
N ARG A 101 13.87 -18.82 -2.96
CA ARG A 101 14.03 -18.01 -4.19
C ARG A 101 13.79 -16.53 -3.90
N LEU A 102 12.80 -16.21 -3.06
CA LEU A 102 12.39 -14.84 -2.80
C LEU A 102 13.44 -14.12 -1.94
N GLY A 103 14.24 -14.84 -1.18
CA GLY A 103 15.25 -14.22 -0.31
C GLY A 103 14.68 -13.56 0.91
N VAL A 104 13.45 -13.92 1.28
CA VAL A 104 12.81 -13.33 2.48
C VAL A 104 13.50 -13.85 3.76
N ASN A 105 13.42 -13.08 4.81
CA ASN A 105 13.93 -13.48 6.13
C ASN A 105 12.83 -14.07 7.01
N SER A 106 11.57 -14.00 6.58
CA SER A 106 10.43 -14.50 7.39
C SER A 106 9.26 -14.83 6.46
N VAL A 107 8.41 -15.77 6.88
CA VAL A 107 7.24 -16.23 6.10
C VAL A 107 6.14 -16.63 7.07
N ALA A 108 4.91 -16.21 6.77
CA ALA A 108 3.68 -16.60 7.47
C ALA A 108 3.09 -17.79 6.74
N ILE A 109 2.79 -18.88 7.44
N ILE A 109 2.86 -18.90 7.44
CA ILE A 109 2.33 -20.13 6.78
CA ILE A 109 2.39 -20.19 6.83
C ILE A 109 1.20 -20.76 7.58
C ILE A 109 1.17 -20.70 7.59
N PRO A 110 0.11 -21.14 6.89
CA PRO A 110 -1.00 -21.86 7.50
C PRO A 110 -0.73 -23.35 7.39
N LEU A 111 -1.49 -24.19 8.12
CA LEU A 111 -1.33 -25.66 7.94
C LEU A 111 -2.20 -26.10 6.78
N LEU A 112 -1.58 -26.42 5.66
CA LEU A 112 -2.28 -26.88 4.44
C LEU A 112 -3.10 -28.15 4.71
N SER A 113 -4.27 -28.20 4.04
CA SER A 113 -5.19 -29.37 4.03
C SER A 113 -5.72 -29.66 5.44
N THR A 114 -5.79 -28.69 6.35
CA THR A 114 -6.35 -28.94 7.71
C THR A 114 -7.78 -28.45 7.87
N GLY A 115 -8.28 -27.63 6.96
CA GLY A 115 -9.64 -27.03 7.03
C GLY A 115 -10.57 -27.84 6.15
N VAL A 116 -11.22 -27.17 5.20
CA VAL A 116 -12.24 -27.77 4.28
C VAL A 116 -11.60 -28.94 3.49
N TYR A 117 -10.29 -28.91 3.25
CA TYR A 117 -9.60 -29.95 2.45
C TYR A 117 -9.15 -31.16 3.30
N SER A 118 -9.51 -31.22 4.59
CA SER A 118 -9.04 -32.28 5.52
C SER A 118 -9.84 -33.59 5.35
N GLY A 119 -10.89 -33.57 4.54
CA GLY A 119 -11.79 -34.75 4.43
C GLY A 119 -12.34 -35.16 5.79
N GLY A 120 -12.55 -34.19 6.68
CA GLY A 120 -13.21 -34.36 7.99
C GLY A 120 -12.30 -35.01 9.03
N LYS A 121 -10.99 -35.04 8.81
CA LYS A 121 -10.01 -35.63 9.74
C LYS A 121 -9.12 -34.53 10.31
N ASP A 122 -8.66 -34.78 11.53
CA ASP A 122 -7.64 -33.97 12.22
C ASP A 122 -6.31 -34.30 11.58
N ARG A 123 -5.75 -33.33 10.84
CA ARG A 123 -4.44 -33.50 10.16
C ARG A 123 -3.39 -32.52 10.70
N LEU A 124 -3.54 -32.03 11.92
CA LEU A 124 -2.54 -31.11 12.51
C LEU A 124 -1.16 -31.73 12.37
N THR A 125 -0.93 -32.90 12.95
CA THR A 125 0.41 -33.49 13.03
C THR A 125 0.93 -33.82 11.63
N GLN A 126 0.06 -34.38 10.79
CA GLN A 126 0.47 -34.78 9.42
C GLN A 126 0.94 -33.51 8.67
N SER A 127 0.14 -32.47 8.73
CA SER A 127 0.42 -31.25 7.94
C SER A 127 1.65 -30.55 8.54
N LEU A 128 1.68 -30.43 9.86
CA LEU A 128 2.82 -29.75 10.54
C LEU A 128 4.12 -30.51 10.27
N ASN A 129 4.15 -31.84 10.32
CA ASN A 129 5.38 -32.60 10.09
C ASN A 129 5.82 -32.41 8.65
N HIS A 130 4.90 -32.31 7.68
CA HIS A 130 5.34 -32.06 6.29
C HIS A 130 5.87 -30.61 6.16
N LEU A 131 5.31 -29.70 6.91
CA LEU A 131 5.81 -28.29 6.95
C LEU A 131 7.25 -28.35 7.45
N PHE A 132 7.49 -29.02 8.57
CA PHE A 132 8.86 -29.06 9.13
C PHE A 132 9.78 -29.72 8.13
N THR A 133 9.41 -30.86 7.51
CA THR A 133 10.31 -31.57 6.59
C THR A 133 10.82 -30.61 5.49
N ALA A 134 9.92 -29.79 4.97
CA ALA A 134 10.25 -28.84 3.89
C ALA A 134 11.04 -27.66 4.43
N MET A 135 10.60 -27.07 5.53
CA MET A 135 11.12 -25.75 5.95
C MET A 135 12.38 -25.88 6.80
N ASP A 136 12.68 -27.04 7.33
CA ASP A 136 13.81 -27.14 8.28
C ASP A 136 15.10 -26.73 7.60
N SER A 137 15.28 -26.94 6.32
CA SER A 137 16.56 -26.62 5.62
C SER A 137 16.58 -25.14 5.20
N THR A 138 15.47 -24.40 5.36
CA THR A 138 15.43 -22.97 5.04
C THR A 138 15.89 -22.15 6.26
N ASP A 139 16.38 -20.94 6.02
CA ASP A 139 16.81 -20.06 7.12
C ASP A 139 15.87 -18.89 7.35
N ALA A 140 14.66 -18.93 6.76
CA ALA A 140 13.63 -17.95 7.13
C ALA A 140 13.05 -18.19 8.54
N ASP A 141 12.72 -17.13 9.28
CA ASP A 141 11.84 -17.26 10.46
C ASP A 141 10.46 -17.69 9.94
N VAL A 142 9.94 -18.79 10.47
CA VAL A 142 8.63 -19.32 10.03
C VAL A 142 7.65 -19.03 11.15
N VAL A 143 6.55 -18.41 10.82
CA VAL A 143 5.46 -18.14 11.79
C VAL A 143 4.21 -18.85 11.30
N ILE A 144 3.79 -19.84 12.04
CA ILE A 144 2.62 -20.69 11.66
C ILE A 144 1.41 -20.01 12.24
N TYR A 145 0.36 -19.88 11.43
CA TYR A 145 -0.91 -19.24 11.84
C TYR A 145 -1.99 -20.31 11.96
N CYS A 146 -2.77 -20.21 13.03
CA CYS A 146 -3.92 -21.12 13.24
C CYS A 146 -5.06 -20.32 13.89
N ARG A 147 -6.25 -20.89 14.02
CA ARG A 147 -7.42 -20.16 14.58
C ARG A 147 -7.92 -20.85 15.85
N ASP A 148 -7.62 -22.11 16.06
CA ASP A 148 -8.17 -22.89 17.20
C ASP A 148 -7.23 -22.83 18.40
N LYS A 149 -7.76 -22.65 19.61
CA LYS A 149 -6.96 -22.57 20.85
C LYS A 149 -6.23 -23.89 21.16
N GLU A 150 -6.88 -25.03 20.97
CA GLU A 150 -6.22 -26.33 21.22
C GLU A 150 -5.12 -26.59 20.18
N TRP A 151 -5.39 -26.23 18.93
CA TRP A 151 -4.35 -26.35 17.87
C TRP A 151 -3.14 -25.50 18.21
N GLU A 152 -3.36 -24.29 18.69
CA GLU A 152 -2.23 -23.40 19.04
C GLU A 152 -1.33 -24.13 20.05
N LYS A 153 -1.95 -24.72 21.09
CA LYS A 153 -1.20 -25.39 22.16
C LYS A 153 -0.43 -26.57 21.56
N LYS A 154 -1.07 -27.38 20.71
CA LYS A 154 -0.42 -28.57 20.14
C LYS A 154 0.73 -28.18 19.20
N ILE A 155 0.53 -27.16 18.38
CA ILE A 155 1.61 -26.70 17.45
C ILE A 155 2.78 -26.18 18.29
N SER A 156 2.48 -25.41 19.33
CA SER A 156 3.49 -24.83 20.21
C SER A 156 4.29 -25.95 20.89
N GLU A 157 3.59 -26.98 21.34
CA GLU A 157 4.24 -28.13 22.00
C GLU A 157 5.19 -28.80 21.01
N ALA A 158 4.73 -29.01 19.77
CA ALA A 158 5.51 -29.71 18.74
C ALA A 158 6.77 -28.91 18.44
N ILE A 159 6.62 -27.58 18.36
CA ILE A 159 7.78 -26.70 18.09
C ILE A 159 8.78 -26.85 19.25
N GLN A 160 8.30 -26.74 20.48
CA GLN A 160 9.15 -26.73 21.72
C GLN A 160 9.83 -28.10 21.88
N MET A 161 9.15 -29.21 21.50
CA MET A 161 9.68 -30.60 21.63
C MET A 161 11.03 -30.74 20.93
N ARG A 162 11.24 -30.07 19.78
CA ARG A 162 12.49 -30.21 18.97
C ARG A 162 13.56 -29.24 19.48
N THR A 163 13.15 -28.32 20.38
CA THR A 163 13.88 -27.48 21.37
C THR A 163 13.53 -26.03 21.07
N GLY B 1 14.18 7.27 30.55
CA GLY B 1 13.27 8.46 30.45
C GLY B 1 13.56 9.28 29.22
N ALA B 2 12.62 10.14 28.83
CA ALA B 2 12.79 11.11 27.74
C ALA B 2 13.68 12.23 28.28
N MET B 3 14.53 12.84 27.46
CA MET B 3 15.56 13.74 28.05
C MET B 3 14.88 14.99 28.63
N ALA B 4 13.73 15.33 28.09
CA ALA B 4 12.86 16.41 28.61
C ALA B 4 11.43 15.88 28.54
N PRO B 5 11.00 15.08 29.55
CA PRO B 5 9.68 14.45 29.47
C PRO B 5 8.61 15.49 29.10
N SER B 6 7.77 15.13 28.14
CA SER B 6 6.73 15.97 27.53
C SER B 6 5.39 15.22 27.45
N TYR B 7 4.37 16.03 27.23
CA TYR B 7 3.04 15.64 26.70
C TYR B 7 2.88 16.24 25.30
N ARG B 8 2.35 15.43 24.38
CA ARG B 8 2.01 15.82 22.99
C ARG B 8 0.65 15.23 22.67
N VAL B 9 -0.12 15.86 21.78
CA VAL B 9 -1.40 15.28 21.28
C VAL B 9 -1.32 15.09 19.76
N LYS B 10 -1.87 13.99 19.28
CA LYS B 10 -1.95 13.68 17.84
C LYS B 10 -3.37 13.24 17.53
N ARG B 11 -3.98 13.89 16.52
CA ARG B 11 -5.33 13.53 16.03
C ARG B 11 -5.20 12.48 14.92
N MET B 12 -5.19 11.20 15.28
CA MET B 12 -5.05 10.06 14.34
C MET B 12 -5.30 8.76 15.11
N ASP B 13 -5.37 7.67 14.36
CA ASP B 13 -5.53 6.27 14.81
C ASP B 13 -4.29 5.86 15.60
N ILE B 14 -4.50 5.59 16.88
CA ILE B 14 -3.43 5.19 17.81
C ILE B 14 -2.79 3.87 17.37
N ALA B 15 -3.42 3.08 16.51
CA ALA B 15 -2.73 1.88 15.98
C ALA B 15 -1.50 2.28 15.12
N LYS B 16 -1.43 3.52 14.63
CA LYS B 16 -0.31 4.02 13.78
C LYS B 16 0.68 4.82 14.62
N ASN B 17 0.67 4.63 15.95
CA ASN B 17 1.58 5.39 16.86
C ASN B 17 3.04 5.06 16.54
N ASP B 18 3.90 6.07 16.76
CA ASP B 18 5.39 5.99 16.68
C ASP B 18 6.01 5.91 18.09
N GLU B 19 5.26 5.47 19.12
CA GLU B 19 5.81 5.37 20.49
C GLU B 19 6.22 3.95 20.82
N GLU B 20 6.89 3.78 21.95
CA GLU B 20 7.53 2.51 22.38
C GLU B 20 6.49 1.54 22.95
N CYS B 21 5.26 2.03 23.18
CA CYS B 21 4.17 1.15 23.66
C CYS B 21 2.86 1.91 23.52
N VAL B 22 1.78 1.11 23.60
CA VAL B 22 0.42 1.61 23.40
C VAL B 22 -0.42 1.18 24.60
N VAL B 23 -1.30 2.12 24.95
CA VAL B 23 -2.43 1.89 25.89
C VAL B 23 -3.69 1.68 25.07
N ASN B 24 -4.25 0.50 25.26
CA ASN B 24 -5.56 0.15 24.69
C ASN B 24 -6.65 0.62 25.67
N ALA B 25 -7.67 1.26 25.16
CA ALA B 25 -8.91 1.56 25.92
C ALA B 25 -9.72 0.29 25.86
N ALA B 26 -9.40 -0.67 26.71
CA ALA B 26 -9.86 -2.06 26.68
C ALA B 26 -11.24 -2.20 27.34
N ASN B 27 -11.89 -3.31 27.05
CA ASN B 27 -13.03 -3.78 27.85
C ASN B 27 -12.54 -4.84 28.82
N PRO B 28 -13.30 -5.20 29.86
CA PRO B 28 -12.82 -6.15 30.87
C PRO B 28 -12.57 -7.56 30.34
N ARG B 29 -13.13 -7.91 29.17
CA ARG B 29 -13.16 -9.31 28.74
C ARG B 29 -12.17 -9.56 27.63
N GLY B 30 -11.40 -8.57 27.23
CA GLY B 30 -10.42 -8.71 26.14
C GLY B 30 -11.09 -9.06 24.84
N LEU B 31 -12.25 -8.44 24.61
CA LEU B 31 -13.01 -8.57 23.36
C LEU B 31 -12.59 -7.46 22.43
N PRO B 32 -12.85 -7.58 21.11
CA PRO B 32 -12.50 -6.52 20.16
C PRO B 32 -13.08 -5.11 20.35
N GLY B 33 -14.33 -5.00 20.79
CA GLY B 33 -14.89 -3.70 21.20
C GLY B 33 -15.05 -2.67 20.11
N ASP B 34 -15.03 -1.39 20.44
CA ASP B 34 -15.28 -0.23 19.56
C ASP B 34 -14.16 0.77 19.69
N GLY B 35 -14.18 1.79 18.83
CA GLY B 35 -13.24 2.93 18.84
C GLY B 35 -11.80 2.45 18.87
N VAL B 36 -11.02 3.02 19.80
CA VAL B 36 -9.59 2.65 19.96
C VAL B 36 -9.41 1.13 20.09
N CYS B 37 -10.23 0.42 20.84
CA CYS B 37 -10.07 -1.01 21.10
C CYS B 37 -10.15 -1.78 19.79
N LYS B 38 -11.08 -1.36 18.92
CA LYS B 38 -11.29 -2.09 17.63
C LYS B 38 -10.04 -1.86 16.75
N ALA B 39 -9.53 -0.65 16.79
CA ALA B 39 -8.30 -0.26 16.04
C ALA B 39 -7.09 -1.05 16.55
N VAL B 40 -6.96 -1.25 17.86
CA VAL B 40 -5.89 -2.07 18.46
C VAL B 40 -6.06 -3.54 18.13
N TYR B 41 -7.28 -4.07 18.12
CA TYR B 41 -7.50 -5.48 17.79
C TYR B 41 -7.15 -5.75 16.32
N LYS B 42 -7.35 -4.74 15.47
CA LYS B 42 -7.05 -4.86 14.01
C LYS B 42 -5.58 -5.24 13.84
N LYS B 43 -4.69 -4.66 14.66
CA LYS B 43 -3.22 -4.81 14.46
C LYS B 43 -2.61 -5.85 15.41
N TRP B 44 -3.03 -5.87 16.68
CA TRP B 44 -2.44 -6.71 17.73
C TRP B 44 -3.49 -7.62 18.33
N PRO B 45 -4.20 -8.43 17.52
CA PRO B 45 -5.16 -9.33 18.11
C PRO B 45 -4.54 -10.31 19.08
N GLU B 46 -3.30 -10.81 18.80
CA GLU B 46 -2.63 -11.78 19.72
C GLU B 46 -2.29 -11.10 21.05
N SER B 47 -2.38 -9.78 21.07
CA SER B 47 -2.27 -9.02 22.34
C SER B 47 -3.53 -9.17 23.19
N PHE B 48 -4.63 -9.74 22.67
CA PHE B 48 -5.84 -10.03 23.47
C PHE B 48 -5.80 -11.42 24.08
N LYS B 49 -4.70 -12.16 23.88
CA LYS B 49 -4.56 -13.47 24.51
C LYS B 49 -4.53 -13.24 26.01
N ASN B 50 -5.57 -13.65 26.71
CA ASN B 50 -5.66 -13.63 28.20
C ASN B 50 -5.52 -12.18 28.66
N SER B 51 -6.06 -11.24 27.91
CA SER B 51 -5.95 -9.79 28.28
C SER B 51 -7.11 -9.37 29.18
N ALA B 52 -8.09 -10.23 29.46
CA ALA B 52 -9.23 -9.89 30.34
C ALA B 52 -8.69 -9.41 31.69
N THR B 53 -9.20 -8.30 32.21
CA THR B 53 -8.71 -7.72 33.49
C THR B 53 -9.84 -6.85 34.02
N PRO B 54 -9.96 -6.64 35.33
CA PRO B 54 -11.08 -5.89 35.87
C PRO B 54 -11.04 -4.38 35.57
N VAL B 55 -12.22 -3.78 35.73
CA VAL B 55 -12.35 -2.31 35.61
C VAL B 55 -11.35 -1.70 36.60
N GLY B 56 -10.68 -0.61 36.20
CA GLY B 56 -9.76 0.10 37.07
C GLY B 56 -8.38 -0.51 37.06
N THR B 57 -8.10 -1.46 36.18
CA THR B 57 -6.79 -2.10 36.11
C THR B 57 -6.18 -2.02 34.70
N ALA B 58 -4.90 -2.29 34.62
CA ALA B 58 -4.17 -2.43 33.36
C ALA B 58 -3.45 -3.76 33.33
N LYS B 59 -3.53 -4.44 32.19
CA LYS B 59 -2.84 -5.72 31.96
C LYS B 59 -2.05 -5.62 30.66
N THR B 60 -0.72 -5.85 30.70
CA THR B 60 0.15 -5.68 29.50
C THR B 60 0.38 -7.05 28.88
N VAL B 61 0.20 -7.10 27.58
CA VAL B 61 0.50 -8.30 26.76
C VAL B 61 1.51 -7.85 25.74
N MET B 62 2.63 -8.60 25.73
CA MET B 62 3.77 -8.39 24.83
C MET B 62 3.46 -9.07 23.51
N CYS B 63 3.55 -8.29 22.46
CA CYS B 63 3.65 -8.74 21.06
C CYS B 63 5.12 -8.67 20.66
N GLY B 64 5.86 -9.77 20.88
CA GLY B 64 7.32 -9.73 20.70
C GLY B 64 7.90 -8.75 21.69
N THR B 65 8.44 -7.63 21.20
CA THR B 65 9.07 -6.60 22.09
C THR B 65 8.09 -5.47 22.39
N TYR B 66 6.95 -5.40 21.66
CA TYR B 66 6.02 -4.24 21.71
C TYR B 66 4.94 -4.46 22.77
N PRO B 67 4.92 -3.64 23.85
CA PRO B 67 3.92 -3.78 24.90
C PRO B 67 2.59 -3.07 24.57
N VAL B 68 1.54 -3.88 24.71
CA VAL B 68 0.13 -3.44 24.65
C VAL B 68 -0.42 -3.44 26.06
N ILE B 69 -0.64 -2.24 26.58
CA ILE B 69 -1.18 -2.06 27.95
C ILE B 69 -2.71 -1.88 27.91
N HIS B 70 -3.40 -2.95 28.22
CA HIS B 70 -4.90 -2.94 28.19
C HIS B 70 -5.39 -2.24 29.46
N ALA B 71 -5.92 -1.03 29.31
CA ALA B 71 -6.41 -0.23 30.48
C ALA B 71 -7.93 -0.19 30.43
N VAL B 72 -8.54 -0.69 31.50
CA VAL B 72 -10.02 -0.82 31.51
C VAL B 72 -10.64 0.35 32.30
N GLY B 73 -11.12 1.36 31.60
CA GLY B 73 -11.91 2.42 32.24
C GLY B 73 -13.35 1.96 32.42
N PRO B 74 -14.05 2.61 33.35
CA PRO B 74 -15.44 2.26 33.65
C PRO B 74 -16.35 2.70 32.50
N ASN B 75 -17.41 1.89 32.36
CA ASN B 75 -18.55 2.26 31.50
C ASN B 75 -19.53 3.08 32.35
N PHE B 76 -19.56 4.38 32.13
CA PHE B 76 -20.46 5.29 32.89
C PHE B 76 -21.95 5.00 32.58
N SER B 77 -22.28 4.12 31.65
CA SER B 77 -23.69 3.64 31.53
C SER B 77 -24.00 2.75 32.72
N ASN B 78 -23.02 2.13 33.35
CA ASN B 78 -23.15 1.12 34.44
C ASN B 78 -22.72 1.63 35.81
N TYR B 79 -21.64 2.40 35.87
CA TYR B 79 -21.11 3.00 37.11
C TYR B 79 -21.85 4.30 37.36
N THR B 80 -22.00 4.63 38.66
CA THR B 80 -22.36 5.98 39.06
C THR B 80 -21.22 6.96 38.80
N GLU B 81 -21.53 8.23 38.78
CA GLU B 81 -20.51 9.30 38.59
C GLU B 81 -19.43 9.10 39.66
N SER B 82 -19.81 8.81 40.89
CA SER B 82 -18.83 8.69 41.99
C SER B 82 -17.94 7.47 41.78
N GLU B 83 -18.54 6.31 41.54
CA GLU B 83 -17.77 5.06 41.52
C GLU B 83 -16.94 5.05 40.22
N GLY B 84 -17.49 5.57 39.15
CA GLY B 84 -16.78 5.67 37.85
C GLY B 84 -15.62 6.59 37.96
N ASP B 85 -15.75 7.69 38.68
CA ASP B 85 -14.63 8.65 38.77
C ASP B 85 -13.45 7.96 39.43
N ARG B 86 -13.70 7.14 40.45
CA ARG B 86 -12.65 6.47 41.20
C ARG B 86 -12.02 5.42 40.28
N GLU B 87 -12.81 4.65 39.54
CA GLU B 87 -12.25 3.57 38.71
C GLU B 87 -11.47 4.16 37.54
N LEU B 88 -11.86 5.30 37.04
CA LEU B 88 -11.19 5.94 35.89
C LEU B 88 -9.84 6.43 36.40
N ALA B 89 -9.76 7.05 37.56
CA ALA B 89 -8.48 7.45 38.17
C ALA B 89 -7.60 6.23 38.35
N ALA B 90 -8.14 5.12 38.85
CA ALA B 90 -7.43 3.88 39.14
C ALA B 90 -6.82 3.32 37.85
N ALA B 91 -7.57 3.29 36.76
CA ALA B 91 -7.05 2.68 35.52
C ALA B 91 -5.82 3.48 35.13
N TYR B 92 -5.87 4.80 35.18
CA TYR B 92 -4.70 5.60 34.76
C TYR B 92 -3.54 5.38 35.74
N ARG B 93 -3.81 5.25 37.02
CA ARG B 93 -2.72 4.97 37.98
C ARG B 93 -2.03 3.66 37.61
N GLU B 94 -2.78 2.63 37.21
N GLU B 94 -2.80 2.66 37.19
CA GLU B 94 -2.20 1.31 36.78
CA GLU B 94 -2.23 1.33 36.81
C GLU B 94 -1.43 1.48 35.46
C GLU B 94 -1.49 1.45 35.47
N VAL B 95 -1.91 2.35 34.57
CA VAL B 95 -1.14 2.66 33.35
C VAL B 95 0.23 3.25 33.74
N ALA B 96 0.29 4.19 34.67
CA ALA B 96 1.55 4.84 35.04
C ALA B 96 2.49 3.79 35.61
N LYS B 97 2.03 2.90 36.47
CA LYS B 97 2.84 1.78 37.04
C LYS B 97 3.41 0.94 35.89
N GLU B 98 2.60 0.58 34.91
CA GLU B 98 3.04 -0.32 33.84
C GLU B 98 4.06 0.40 33.00
N VAL B 99 3.80 1.63 32.61
CA VAL B 99 4.75 2.41 31.80
C VAL B 99 6.10 2.47 32.54
N THR B 100 6.05 2.66 33.84
CA THR B 100 7.29 2.78 34.66
C THR B 100 7.97 1.41 34.61
N ARG B 101 7.22 0.37 34.87
CA ARG B 101 7.79 -1.01 34.94
C ARG B 101 8.46 -1.38 33.62
N LEU B 102 7.87 -1.01 32.50
CA LEU B 102 8.31 -1.39 31.14
C LEU B 102 9.60 -0.65 30.74
N GLY B 103 9.87 0.51 31.33
CA GLY B 103 11.12 1.26 31.08
C GLY B 103 11.09 1.94 29.73
N VAL B 104 9.91 2.07 29.12
CA VAL B 104 9.76 2.80 27.84
C VAL B 104 10.09 4.27 28.07
N ASN B 105 10.53 4.95 27.03
CA ASN B 105 10.76 6.40 27.00
C ASN B 105 9.59 7.15 26.36
N SER B 106 8.63 6.43 25.77
CA SER B 106 7.42 7.02 25.18
C SER B 106 6.25 6.01 25.30
N VAL B 107 5.04 6.57 25.29
CA VAL B 107 3.79 5.78 25.34
C VAL B 107 2.73 6.62 24.63
N ALA B 108 1.90 5.92 23.85
CA ALA B 108 0.70 6.41 23.15
C ALA B 108 -0.49 6.04 24.04
N ILE B 109 -1.28 7.04 24.42
N ILE B 109 -1.25 7.07 24.44
CA ILE B 109 -2.41 6.81 25.37
CA ILE B 109 -2.38 6.95 25.41
C ILE B 109 -3.66 7.53 24.86
C ILE B 109 -3.65 7.53 24.77
N PRO B 110 -4.81 6.83 24.82
CA PRO B 110 -6.08 7.43 24.44
C PRO B 110 -6.77 7.97 25.70
N LEU B 111 -7.82 8.77 25.55
CA LEU B 111 -8.60 9.23 26.72
C LEU B 111 -9.63 8.15 27.10
N LEU B 112 -9.38 7.45 28.19
CA LEU B 112 -10.23 6.38 28.68
C LEU B 112 -11.61 6.93 29.05
N SER B 113 -12.61 6.12 28.73
CA SER B 113 -14.03 6.32 29.08
C SER B 113 -14.63 7.54 28.35
N THR B 114 -14.06 8.00 27.23
CA THR B 114 -14.59 9.17 26.48
C THR B 114 -15.43 8.74 25.27
N GLY B 115 -15.40 7.48 24.88
CA GLY B 115 -16.20 7.04 23.72
C GLY B 115 -17.48 6.37 24.19
N VAL B 116 -17.67 5.12 23.77
CA VAL B 116 -18.88 4.30 24.09
C VAL B 116 -19.06 4.28 25.63
N TYR B 117 -17.97 4.24 26.41
CA TYR B 117 -18.06 4.15 27.89
C TYR B 117 -18.38 5.52 28.54
N SER B 118 -18.62 6.60 27.80
CA SER B 118 -18.84 7.94 28.39
C SER B 118 -20.24 8.10 29.02
N GLY B 119 -21.18 7.18 28.71
CA GLY B 119 -22.54 7.36 29.24
C GLY B 119 -23.23 8.54 28.59
N GLY B 120 -22.84 8.88 27.37
CA GLY B 120 -23.37 10.04 26.62
C GLY B 120 -22.93 11.41 27.08
N LYS B 121 -21.93 11.49 27.98
CA LYS B 121 -21.40 12.76 28.53
C LYS B 121 -20.04 13.08 27.89
N ASP B 122 -19.73 14.37 27.76
CA ASP B 122 -18.42 14.87 27.29
C ASP B 122 -17.47 14.73 28.47
N ARG B 123 -16.50 13.80 28.40
CA ARG B 123 -15.58 13.55 29.56
C ARG B 123 -14.13 13.89 29.22
N LEU B 124 -13.90 14.75 28.24
CA LEU B 124 -12.52 15.13 27.87
C LEU B 124 -11.80 15.63 29.12
N THR B 125 -12.31 16.64 29.82
CA THR B 125 -11.60 17.30 30.94
C THR B 125 -11.39 16.28 32.06
N GLN B 126 -12.41 15.53 32.41
CA GLN B 126 -12.32 14.51 33.48
C GLN B 126 -11.26 13.50 33.12
N SER B 127 -11.29 12.95 31.94
CA SER B 127 -10.37 11.86 31.57
C SER B 127 -8.95 12.41 31.47
N LEU B 128 -8.77 13.60 30.90
CA LEU B 128 -7.43 14.20 30.76
C LEU B 128 -6.90 14.52 32.15
N ASN B 129 -7.74 14.98 33.07
CA ASN B 129 -7.30 15.32 34.45
C ASN B 129 -6.75 14.05 35.09
N HIS B 130 -7.43 12.92 34.94
CA HIS B 130 -6.96 11.68 35.59
C HIS B 130 -5.68 11.17 34.89
N LEU B 131 -5.57 11.39 33.60
CA LEU B 131 -4.37 10.97 32.84
C LEU B 131 -3.21 11.78 33.42
N PHE B 132 -3.32 13.09 33.50
CA PHE B 132 -2.23 13.93 34.03
C PHE B 132 -1.92 13.50 35.45
N THR B 133 -2.93 13.32 36.30
CA THR B 133 -2.69 13.01 37.73
C THR B 133 -1.78 11.78 37.84
N ALA B 134 -2.02 10.78 37.00
CA ALA B 134 -1.26 9.52 37.01
C ALA B 134 0.08 9.71 36.31
N MET B 135 0.11 10.35 35.17
CA MET B 135 1.32 10.30 34.32
C MET B 135 2.30 11.39 34.71
N ASP B 136 1.92 12.40 35.50
CA ASP B 136 2.79 13.57 35.73
C ASP B 136 4.11 13.09 36.35
N SER B 137 4.06 12.12 37.24
CA SER B 137 5.27 11.66 38.00
C SER B 137 6.12 10.70 37.15
N THR B 138 5.69 10.29 35.97
CA THR B 138 6.47 9.41 35.06
C THR B 138 7.37 10.30 34.19
N ASP B 139 8.46 9.72 33.67
CA ASP B 139 9.37 10.48 32.78
C ASP B 139 9.26 10.01 31.34
N ALA B 140 8.27 9.20 30.99
CA ALA B 140 8.06 8.86 29.56
C ALA B 140 7.52 10.06 28.79
N ASP B 141 7.90 10.19 27.53
CA ASP B 141 7.17 11.07 26.61
C ASP B 141 5.80 10.48 26.40
N VAL B 142 4.78 11.28 26.73
CA VAL B 142 3.39 10.81 26.57
C VAL B 142 2.79 11.49 25.34
N VAL B 143 2.20 10.66 24.47
CA VAL B 143 1.50 11.11 23.25
C VAL B 143 0.02 10.70 23.43
N ILE B 144 -0.81 11.71 23.59
CA ILE B 144 -2.28 11.53 23.75
C ILE B 144 -2.94 11.50 22.37
N TYR B 145 -3.72 10.47 22.10
CA TYR B 145 -4.38 10.30 20.78
C TYR B 145 -5.86 10.69 20.92
N CYS B 146 -6.40 11.30 19.86
CA CYS B 146 -7.83 11.64 19.76
C CYS B 146 -8.20 11.60 18.27
N ARG B 147 -9.48 11.72 17.96
CA ARG B 147 -9.96 11.69 16.54
C ARG B 147 -10.63 13.00 16.18
N ASP B 148 -11.17 13.74 17.14
CA ASP B 148 -12.02 14.93 16.92
C ASP B 148 -11.18 16.20 16.92
N LYS B 149 -11.39 17.08 15.93
CA LYS B 149 -10.58 18.32 15.82
C LYS B 149 -10.82 19.25 16.99
N GLU B 150 -12.04 19.37 17.50
CA GLU B 150 -12.33 20.24 18.68
C GLU B 150 -11.64 19.62 19.91
N TRP B 151 -11.62 18.30 19.98
CA TRP B 151 -10.96 17.58 21.12
C TRP B 151 -9.44 17.84 21.05
N GLU B 152 -8.85 17.61 19.88
CA GLU B 152 -7.41 17.91 19.65
C GLU B 152 -7.06 19.31 20.15
N LYS B 153 -7.82 20.33 19.75
CA LYS B 153 -7.60 21.73 20.17
C LYS B 153 -7.64 21.84 21.70
N LYS B 154 -8.67 21.27 22.35
CA LYS B 154 -8.84 21.42 23.82
C LYS B 154 -7.74 20.65 24.56
N ILE B 155 -7.31 19.50 24.04
CA ILE B 155 -6.22 18.70 24.69
C ILE B 155 -4.93 19.51 24.56
N SER B 156 -4.61 19.94 23.35
CA SER B 156 -3.42 20.80 23.08
C SER B 156 -3.42 22.02 24.02
N GLU B 157 -4.55 22.70 24.12
CA GLU B 157 -4.71 23.91 24.99
C GLU B 157 -4.38 23.54 26.43
N ALA B 158 -5.00 22.48 26.94
CA ALA B 158 -4.76 21.99 28.33
C ALA B 158 -3.27 21.68 28.53
N ILE B 159 -2.58 21.07 27.56
CA ILE B 159 -1.14 20.71 27.70
C ILE B 159 -0.29 22.00 27.82
N GLN B 160 -0.53 22.96 26.90
CA GLN B 160 0.29 24.21 26.79
C GLN B 160 0.07 25.09 28.02
N MET B 161 -1.12 25.05 28.62
CA MET B 161 -1.54 25.90 29.76
C MET B 161 -0.67 25.61 31.00
N ARG B 162 -0.11 24.41 31.12
CA ARG B 162 0.49 23.94 32.40
C ARG B 162 1.98 24.30 32.52
N THR B 163 2.60 24.68 31.41
CA THR B 163 4.06 24.86 31.23
C THR B 163 4.33 26.34 30.93
N GLY C 1 3.85 19.74 -19.50
CA GLY C 1 4.73 18.51 -19.44
C GLY C 1 6.13 18.79 -19.98
N ALA C 2 7.12 18.00 -19.56
CA ALA C 2 8.46 18.00 -20.16
C ALA C 2 8.33 17.43 -21.57
N MET C 3 9.09 17.93 -22.56
CA MET C 3 8.92 17.48 -23.96
C MET C 3 9.42 16.04 -24.11
N ALA C 4 10.33 15.56 -23.26
CA ALA C 4 10.76 14.14 -23.27
C ALA C 4 10.91 13.73 -21.81
N PRO C 5 9.77 13.46 -21.14
CA PRO C 5 9.81 13.19 -19.70
C PRO C 5 10.86 12.16 -19.32
N SER C 6 11.65 12.49 -18.32
CA SER C 6 12.77 11.64 -17.87
C SER C 6 12.78 11.39 -16.37
N TYR C 7 13.65 10.47 -15.98
CA TYR C 7 14.13 10.27 -14.61
C TYR C 7 15.61 10.58 -14.53
N ARG C 8 16.02 11.25 -13.47
CA ARG C 8 17.43 11.45 -13.13
C ARG C 8 17.59 11.21 -11.65
N VAL C 9 18.81 10.93 -11.22
CA VAL C 9 19.18 10.91 -9.80
C VAL C 9 20.33 11.87 -9.54
N LYS C 10 20.27 12.53 -8.40
CA LYS C 10 21.31 13.40 -7.87
C LYS C 10 21.62 13.03 -6.42
N ARG C 11 22.92 12.98 -6.13
CA ARG C 11 23.42 12.90 -4.75
C ARG C 11 23.65 14.34 -4.25
N MET C 12 22.65 14.88 -3.55
CA MET C 12 22.56 16.32 -3.28
C MET C 12 21.44 16.54 -2.27
N ASP C 13 21.56 17.60 -1.51
CA ASP C 13 20.52 18.08 -0.56
C ASP C 13 19.28 18.50 -1.37
N ILE C 14 18.15 17.83 -1.15
CA ILE C 14 16.90 18.12 -1.90
C ILE C 14 16.44 19.56 -1.60
N ALA C 15 16.92 20.13 -0.51
CA ALA C 15 16.49 21.49 -0.13
C ALA C 15 17.11 22.51 -1.09
N LYS C 16 18.07 22.06 -1.90
N LYS C 16 18.11 22.11 -1.88
CA LYS C 16 18.80 22.85 -2.91
CA LYS C 16 18.72 22.97 -2.92
C LYS C 16 18.43 22.39 -4.33
C LYS C 16 18.42 22.41 -4.32
N ASN C 17 17.28 21.73 -4.51
CA ASN C 17 16.90 21.22 -5.83
C ASN C 17 16.71 22.30 -6.89
N ASP C 18 16.75 21.89 -8.14
CA ASP C 18 16.58 22.72 -9.35
C ASP C 18 15.28 22.40 -10.09
N GLU C 19 14.25 21.95 -9.38
CA GLU C 19 12.97 21.61 -9.99
C GLU C 19 11.87 22.58 -9.56
N GLU C 20 10.73 22.41 -10.21
CA GLU C 20 9.58 23.35 -10.02
C GLU C 20 8.80 23.10 -8.75
N CYS C 21 9.00 21.97 -8.10
CA CYS C 21 8.39 21.64 -6.80
C CYS C 21 9.16 20.53 -6.12
N VAL C 22 8.87 20.34 -4.84
CA VAL C 22 9.62 19.38 -4.01
C VAL C 22 8.63 18.47 -3.30
N VAL C 23 9.01 17.21 -3.16
CA VAL C 23 8.30 16.25 -2.28
C VAL C 23 9.02 16.18 -0.97
N ASN C 24 8.28 16.46 0.12
CA ASN C 24 8.83 16.30 1.49
C ASN C 24 8.48 14.89 1.98
N ALA C 25 9.45 14.20 2.55
CA ALA C 25 9.20 12.92 3.24
C ALA C 25 8.67 13.30 4.63
N ALA C 26 7.41 13.58 4.66
CA ALA C 26 6.69 14.20 5.80
C ALA C 26 6.33 13.18 6.89
N ASN C 27 5.88 13.71 8.03
CA ASN C 27 5.26 12.92 9.11
C ASN C 27 3.79 13.34 9.18
N PRO C 28 2.88 12.46 9.68
CA PRO C 28 1.45 12.75 9.61
C PRO C 28 0.97 14.00 10.35
N ARG C 29 1.78 14.51 11.29
CA ARG C 29 1.43 15.67 12.16
C ARG C 29 1.88 16.97 11.51
N GLY C 30 2.82 16.90 10.57
CA GLY C 30 3.32 18.09 9.88
C GLY C 30 4.36 18.83 10.72
N LEU C 31 5.14 18.09 11.50
CA LEU C 31 6.27 18.61 12.33
C LEU C 31 7.55 18.64 11.52
N PRO C 32 8.47 19.56 11.87
CA PRO C 32 9.81 19.59 11.28
C PRO C 32 10.49 18.22 11.15
N GLY C 33 10.10 17.26 11.99
CA GLY C 33 10.61 15.86 11.91
C GLY C 33 12.14 15.83 11.86
N ASP C 34 12.71 14.90 11.09
CA ASP C 34 14.19 14.76 10.91
C ASP C 34 14.49 14.32 9.48
N GLY C 35 15.78 14.19 9.14
CA GLY C 35 16.24 13.81 7.80
C GLY C 35 15.89 14.87 6.77
N VAL C 36 15.32 14.47 5.63
CA VAL C 36 14.92 15.43 4.55
C VAL C 36 13.86 16.37 5.13
N CYS C 37 12.97 15.86 6.00
CA CYS C 37 11.86 16.66 6.60
C CYS C 37 12.39 17.92 7.32
N LYS C 38 13.49 17.79 8.07
CA LYS C 38 14.13 18.92 8.82
C LYS C 38 14.75 19.94 7.85
N ALA C 39 15.58 19.48 6.90
CA ALA C 39 16.22 20.34 5.87
C ALA C 39 15.15 21.08 5.06
N VAL C 40 14.02 20.41 4.78
CA VAL C 40 12.85 20.96 4.06
C VAL C 40 12.21 22.05 4.95
N TYR C 41 12.08 21.75 6.25
CA TYR C 41 11.46 22.69 7.22
C TYR C 41 12.32 23.96 7.27
N LYS C 42 13.64 23.81 7.26
CA LYS C 42 14.59 24.94 7.34
C LYS C 42 14.48 25.76 6.05
N LYS C 43 14.31 25.13 4.88
CA LYS C 43 14.26 25.86 3.57
C LYS C 43 12.89 26.48 3.34
N TRP C 44 11.83 25.75 3.67
CA TRP C 44 10.45 26.15 3.35
C TRP C 44 9.54 26.07 4.54
N PRO C 45 9.87 26.76 5.66
CA PRO C 45 9.08 26.61 6.89
C PRO C 45 7.61 26.99 6.70
N GLU C 46 7.31 27.99 5.84
CA GLU C 46 5.93 28.44 5.60
C GLU C 46 5.05 27.33 5.03
N SER C 47 5.68 26.35 4.39
CA SER C 47 4.94 25.22 3.79
C SER C 47 4.45 24.23 4.85
N PHE C 48 4.81 24.41 6.14
CA PHE C 48 4.40 23.53 7.26
C PHE C 48 3.12 24.07 7.94
N LYS C 49 2.57 25.17 7.45
CA LYS C 49 1.24 25.69 7.86
C LYS C 49 0.16 24.67 7.46
N ASN C 50 -0.41 23.93 8.42
CA ASN C 50 -1.54 22.99 8.19
C ASN C 50 -1.13 21.92 7.15
N SER C 51 0.11 21.44 7.28
CA SER C 51 0.67 20.39 6.39
C SER C 51 0.32 18.99 6.89
N ALA C 52 -0.23 18.85 8.09
CA ALA C 52 -0.57 17.52 8.63
C ALA C 52 -1.41 16.79 7.60
N THR C 53 -1.14 15.51 7.39
CA THR C 53 -1.88 14.69 6.44
C THR C 53 -1.63 13.22 6.79
N PRO C 54 -2.61 12.32 6.58
CA PRO C 54 -2.45 10.96 7.07
C PRO C 54 -1.37 10.16 6.34
N VAL C 55 -0.92 9.11 6.99
CA VAL C 55 -0.09 8.06 6.33
C VAL C 55 -0.77 7.63 5.04
N GLY C 56 0.04 7.49 3.97
CA GLY C 56 -0.44 7.05 2.68
C GLY C 56 -1.04 8.13 1.79
N THR C 57 -0.92 9.39 2.20
CA THR C 57 -1.46 10.56 1.48
C THR C 57 -0.36 11.58 1.22
N ALA C 58 -0.72 12.57 0.38
CA ALA C 58 0.15 13.72 0.12
C ALA C 58 -0.70 14.97 0.15
N LYS C 59 -0.14 16.02 0.74
CA LYS C 59 -0.82 17.34 0.82
C LYS C 59 0.19 18.40 0.38
N THR C 60 -0.21 19.25 -0.56
CA THR C 60 0.64 20.35 -1.05
C THR C 60 0.36 21.64 -0.28
N VAL C 61 1.42 22.27 0.19
CA VAL C 61 1.33 23.64 0.77
C VAL C 61 2.38 24.49 0.07
N MET C 62 1.95 25.67 -0.34
CA MET C 62 2.85 26.62 -1.01
C MET C 62 3.76 27.29 0.00
N CYS C 63 5.02 27.46 -0.36
CA CYS C 63 5.96 28.37 0.29
C CYS C 63 6.18 29.52 -0.69
N GLY C 64 5.50 30.66 -0.49
CA GLY C 64 5.38 31.64 -1.59
C GLY C 64 4.56 31.08 -2.72
N THR C 65 5.13 30.87 -3.90
CA THR C 65 4.47 30.13 -4.98
C THR C 65 5.14 28.75 -5.23
N TYR C 66 6.10 28.39 -4.39
CA TYR C 66 6.90 27.17 -4.61
C TYR C 66 6.18 26.00 -3.90
N PRO C 67 5.64 24.99 -4.65
CA PRO C 67 4.87 23.93 -4.04
C PRO C 67 5.75 22.91 -3.30
N VAL C 68 5.41 22.67 -2.04
CA VAL C 68 5.92 21.57 -1.21
C VAL C 68 4.86 20.51 -1.05
N ILE C 69 5.11 19.33 -1.65
CA ILE C 69 4.17 18.20 -1.58
C ILE C 69 4.57 17.33 -0.39
N HIS C 70 3.81 17.40 0.72
CA HIS C 70 4.12 16.65 1.94
C HIS C 70 3.55 15.23 1.78
N ALA C 71 4.42 14.25 1.53
CA ALA C 71 4.03 12.86 1.29
C ALA C 71 4.41 12.03 2.50
N VAL C 72 3.39 11.35 3.04
CA VAL C 72 3.60 10.60 4.30
C VAL C 72 3.68 9.11 3.95
N GLY C 73 4.91 8.60 3.86
CA GLY C 73 5.12 7.16 3.76
C GLY C 73 4.89 6.54 5.13
N PRO C 74 4.65 5.23 5.14
CA PRO C 74 4.56 4.52 6.43
C PRO C 74 5.91 4.41 7.11
N ASN C 75 5.88 4.38 8.44
CA ASN C 75 7.06 4.06 9.24
C ASN C 75 7.05 2.55 9.46
N PHE C 76 8.01 1.87 8.84
CA PHE C 76 8.05 0.38 8.92
C PHE C 76 8.51 -0.08 10.30
N SER C 77 8.90 0.82 11.23
CA SER C 77 9.09 0.41 12.65
C SER C 77 7.75 -0.03 13.24
N ASN C 78 6.66 0.54 12.75
CA ASN C 78 5.30 0.42 13.33
C ASN C 78 4.38 -0.38 12.39
N TYR C 79 4.60 -0.33 11.09
CA TYR C 79 3.75 -1.01 10.10
C TYR C 79 4.33 -2.38 9.80
N THR C 80 3.48 -3.36 9.56
CA THR C 80 3.98 -4.66 9.04
C THR C 80 4.47 -4.47 7.61
N GLU C 81 5.22 -5.42 7.11
CA GLU C 81 5.67 -5.38 5.70
C GLU C 81 4.45 -5.33 4.78
N SER C 82 3.40 -6.11 5.05
CA SER C 82 2.21 -6.11 4.21
C SER C 82 1.50 -4.76 4.22
N GLU C 83 1.15 -4.24 5.40
CA GLU C 83 0.36 -3.02 5.49
C GLU C 83 1.20 -1.86 4.97
N GLY C 84 2.47 -1.87 5.29
CA GLY C 84 3.34 -0.75 4.90
C GLY C 84 3.54 -0.73 3.42
N ASP C 85 3.64 -1.91 2.77
CA ASP C 85 3.84 -1.92 1.31
C ASP C 85 2.68 -1.20 0.64
N ARG C 86 1.46 -1.44 1.06
CA ARG C 86 0.27 -0.83 0.45
C ARG C 86 0.29 0.69 0.74
N GLU C 87 0.64 1.12 1.94
CA GLU C 87 0.59 2.57 2.26
C GLU C 87 1.73 3.28 1.50
N LEU C 88 2.86 2.63 1.27
CA LEU C 88 3.99 3.29 0.55
C LEU C 88 3.58 3.46 -0.91
N ALA C 89 2.95 2.44 -1.49
CA ALA C 89 2.40 2.56 -2.85
C ALA C 89 1.41 3.71 -2.94
N ALA C 90 0.53 3.86 -1.93
CA ALA C 90 -0.52 4.87 -1.96
C ALA C 90 0.10 6.28 -1.83
N ALA C 91 1.08 6.48 -0.97
CA ALA C 91 1.74 7.80 -0.81
C ALA C 91 2.29 8.21 -2.16
N TYR C 92 2.94 7.32 -2.88
CA TYR C 92 3.48 7.72 -4.19
C TYR C 92 2.38 8.04 -5.20
N ARG C 93 1.30 7.26 -5.21
N ARG C 93 1.28 7.28 -5.20
CA ARG C 93 0.14 7.55 -6.10
CA ARG C 93 0.15 7.56 -6.12
C ARG C 93 -0.33 8.98 -5.81
C ARG C 93 -0.41 8.95 -5.80
N GLU C 94 -0.47 9.33 -4.53
CA GLU C 94 -0.92 10.71 -4.17
C GLU C 94 0.12 11.73 -4.63
N VAL C 95 1.40 11.43 -4.60
CA VAL C 95 2.42 12.39 -5.12
C VAL C 95 2.16 12.59 -6.62
N ALA C 96 1.93 11.50 -7.37
CA ALA C 96 1.64 11.61 -8.82
C ALA C 96 0.42 12.47 -9.06
N LYS C 97 -0.65 12.34 -8.27
CA LYS C 97 -1.84 13.18 -8.41
C LYS C 97 -1.48 14.64 -8.11
N GLU C 98 -0.73 14.90 -7.06
CA GLU C 98 -0.38 16.30 -6.70
C GLU C 98 0.48 16.92 -7.79
N VAL C 99 1.49 16.20 -8.28
CA VAL C 99 2.34 16.75 -9.36
C VAL C 99 1.49 17.07 -10.57
N THR C 100 0.57 16.19 -10.92
CA THR C 100 -0.30 16.36 -12.10
C THR C 100 -1.19 17.60 -11.87
N ARG C 101 -1.79 17.68 -10.70
CA ARG C 101 -2.69 18.79 -10.34
C ARG C 101 -1.96 20.12 -10.53
N LEU C 102 -0.72 20.18 -10.08
CA LEU C 102 0.02 21.45 -10.05
C LEU C 102 0.42 21.90 -11.48
N GLY C 103 0.49 21.01 -12.44
CA GLY C 103 0.88 21.35 -13.82
C GLY C 103 2.39 21.57 -13.98
N VAL C 104 3.19 21.18 -13.00
CA VAL C 104 4.67 21.40 -13.01
C VAL C 104 5.31 20.54 -14.08
N ASN C 105 6.45 21.00 -14.61
CA ASN C 105 7.18 20.23 -15.63
C ASN C 105 8.32 19.43 -14.99
N SER C 106 8.53 19.58 -13.70
CA SER C 106 9.57 18.86 -12.96
C SER C 106 9.27 18.83 -11.47
N VAL C 107 9.82 17.80 -10.84
CA VAL C 107 9.62 17.51 -9.42
C VAL C 107 10.87 16.88 -8.83
N ALA C 108 11.28 17.31 -7.65
CA ALA C 108 12.37 16.78 -6.83
C ALA C 108 11.75 15.84 -5.81
N ILE C 109 12.16 14.57 -5.83
N ILE C 109 12.26 14.62 -5.70
CA ILE C 109 11.56 13.51 -4.96
CA ILE C 109 11.55 13.58 -4.90
C ILE C 109 12.66 12.80 -4.19
C ILE C 109 12.58 12.70 -4.22
N PRO C 110 12.41 12.46 -2.91
CA PRO C 110 13.26 11.54 -2.16
C PRO C 110 12.60 10.14 -2.20
N LEU C 111 13.36 9.10 -1.85
CA LEU C 111 12.77 7.75 -1.72
C LEU C 111 12.08 7.66 -0.36
N LEU C 112 10.77 7.64 -0.39
CA LEU C 112 9.93 7.58 0.81
C LEU C 112 10.21 6.31 1.60
N SER C 113 10.14 6.42 2.91
CA SER C 113 10.24 5.31 3.88
C SER C 113 11.61 4.65 3.79
N THR C 114 12.67 5.35 3.37
CA THR C 114 14.01 4.73 3.31
C THR C 114 14.99 5.20 4.37
N GLY C 115 14.63 6.18 5.16
CA GLY C 115 15.50 6.69 6.26
C GLY C 115 14.97 6.19 7.60
N VAL C 116 14.56 7.12 8.47
CA VAL C 116 14.07 6.85 9.85
C VAL C 116 12.79 5.99 9.78
N TYR C 117 12.09 6.00 8.64
CA TYR C 117 10.82 5.24 8.47
C TYR C 117 11.14 3.87 7.86
N SER C 118 12.41 3.53 7.65
CA SER C 118 12.74 2.23 7.02
C SER C 118 12.58 1.05 7.96
N GLY C 119 12.43 1.29 9.27
CA GLY C 119 12.46 0.19 10.24
C GLY C 119 13.76 -0.59 10.23
N GLY C 120 14.86 0.04 9.79
CA GLY C 120 16.22 -0.55 9.75
C GLY C 120 16.46 -1.49 8.57
N LYS C 121 15.60 -1.51 7.55
CA LYS C 121 15.77 -2.38 6.37
C LYS C 121 16.20 -1.52 5.19
N ASP C 122 16.96 -2.08 4.26
CA ASP C 122 17.32 -1.41 2.99
C ASP C 122 16.08 -1.46 2.08
N ARG C 123 15.42 -0.30 1.87
CA ARG C 123 14.18 -0.26 1.04
C ARG C 123 14.38 0.51 -0.27
N LEU C 124 15.60 0.57 -0.80
CA LEU C 124 15.86 1.28 -2.07
C LEU C 124 14.96 0.75 -3.18
N THR C 125 15.08 -0.56 -3.47
CA THR C 125 14.36 -1.17 -4.60
C THR C 125 12.85 -1.06 -4.40
N GLN C 126 12.37 -1.36 -3.18
CA GLN C 126 10.93 -1.30 -2.86
C GLN C 126 10.41 0.12 -3.11
N SER C 127 11.09 1.09 -2.53
CA SER C 127 10.65 2.49 -2.61
C SER C 127 10.70 2.97 -4.06
N LEU C 128 11.80 2.67 -4.75
CA LEU C 128 11.95 3.12 -6.15
C LEU C 128 10.95 2.44 -7.06
N ASN C 129 10.66 1.14 -6.84
CA ASN C 129 9.63 0.46 -7.63
C ASN C 129 8.30 1.18 -7.47
N HIS C 130 7.90 1.51 -6.23
CA HIS C 130 6.62 2.20 -6.04
C HIS C 130 6.67 3.59 -6.69
N LEU C 131 7.81 4.26 -6.61
CA LEU C 131 7.95 5.60 -7.24
C LEU C 131 7.70 5.50 -8.73
N PHE C 132 8.35 4.54 -9.38
CA PHE C 132 8.13 4.34 -10.84
C PHE C 132 6.69 3.98 -11.14
N THR C 133 6.07 3.07 -10.35
CA THR C 133 4.69 2.63 -10.60
C THR C 133 3.76 3.85 -10.65
N ALA C 134 3.99 4.81 -9.74
CA ALA C 134 3.14 6.03 -9.64
C ALA C 134 3.52 7.07 -10.68
N MET C 135 4.82 7.27 -10.89
CA MET C 135 5.27 8.45 -11.69
C MET C 135 5.40 8.11 -13.17
N ASP C 136 5.42 6.84 -13.56
CA ASP C 136 5.68 6.53 -14.99
C ASP C 136 4.61 7.14 -15.87
N SER C 137 3.34 7.28 -15.40
CA SER C 137 2.25 7.84 -16.23
C SER C 137 2.21 9.37 -16.18
N THR C 138 3.10 10.00 -15.43
CA THR C 138 3.23 11.46 -15.41
C THR C 138 4.22 11.93 -16.45
N ASP C 139 4.07 13.17 -16.90
CA ASP C 139 4.96 13.77 -17.91
C ASP C 139 5.93 14.77 -17.30
N ALA C 140 6.07 14.81 -15.99
CA ALA C 140 7.05 15.72 -15.34
C ALA C 140 8.43 15.10 -15.41
N ASP C 141 9.49 15.89 -15.56
CA ASP C 141 10.84 15.41 -15.28
C ASP C 141 10.94 15.09 -13.80
N VAL C 142 11.34 13.88 -13.45
CA VAL C 142 11.48 13.47 -12.06
C VAL C 142 12.93 13.44 -11.72
N VAL C 143 13.33 14.13 -10.67
CA VAL C 143 14.72 14.11 -10.19
C VAL C 143 14.71 13.53 -8.80
N ILE C 144 15.33 12.37 -8.64
CA ILE C 144 15.42 11.66 -7.33
C ILE C 144 16.65 12.12 -6.59
N TYR C 145 16.51 12.50 -5.32
CA TYR C 145 17.62 13.01 -4.49
C TYR C 145 18.00 11.95 -3.48
N CYS C 146 19.29 11.70 -3.34
CA CYS C 146 19.80 10.75 -2.34
C CYS C 146 21.08 11.32 -1.71
N ARG C 147 21.59 10.67 -0.66
CA ARG C 147 22.76 11.19 0.11
C ARG C 147 23.96 10.26 -0.03
N ASP C 148 23.72 8.99 -0.35
CA ASP C 148 24.72 7.90 -0.29
C ASP C 148 25.21 7.59 -1.70
N LYS C 149 26.52 7.45 -1.89
CA LYS C 149 27.08 7.15 -3.23
C LYS C 149 26.65 5.76 -3.74
N GLU C 150 26.52 4.76 -2.86
CA GLU C 150 26.08 3.40 -3.28
C GLU C 150 24.61 3.46 -3.78
N TRP C 151 23.80 4.22 -3.07
CA TRP C 151 22.36 4.42 -3.45
C TRP C 151 22.30 5.16 -4.78
N GLU C 152 23.11 6.19 -4.98
CA GLU C 152 23.11 6.93 -6.25
C GLU C 152 23.39 5.96 -7.39
N LYS C 153 24.40 5.10 -7.23
CA LYS C 153 24.79 4.15 -8.29
C LYS C 153 23.65 3.15 -8.58
N LYS C 154 23.04 2.60 -7.54
CA LYS C 154 21.93 1.61 -7.69
C LYS C 154 20.69 2.27 -8.31
N ILE C 155 20.37 3.51 -7.88
CA ILE C 155 19.20 4.21 -8.49
C ILE C 155 19.48 4.50 -9.96
N SER C 156 20.71 4.96 -10.22
CA SER C 156 21.11 5.30 -11.61
C SER C 156 21.02 4.06 -12.49
N GLU C 157 21.50 2.92 -12.01
CA GLU C 157 21.42 1.63 -12.75
C GLU C 157 19.97 1.29 -13.05
N ALA C 158 19.08 1.40 -12.06
CA ALA C 158 17.65 1.06 -12.23
C ALA C 158 17.02 1.94 -13.32
N ILE C 159 17.34 3.23 -13.35
CA ILE C 159 16.76 4.18 -14.32
C ILE C 159 17.25 3.73 -15.70
N GLN C 160 18.54 3.50 -15.80
CA GLN C 160 19.20 3.25 -17.11
C GLN C 160 18.71 1.92 -17.70
N MET C 161 18.43 0.93 -16.83
CA MET C 161 17.99 -0.44 -17.18
C MET C 161 16.71 -0.41 -18.04
N ARG C 162 15.91 0.67 -17.95
CA ARG C 162 14.59 0.78 -18.64
C ARG C 162 14.71 1.66 -19.89
N THR C 163 15.87 2.31 -20.10
CA THR C 163 16.17 3.18 -21.28
C THR C 163 17.12 2.42 -22.21
N PRO D 5 -14.83 10.10 -43.09
CA PRO D 5 -13.70 9.23 -42.76
C PRO D 5 -14.16 7.88 -42.19
N SER D 6 -14.76 7.04 -43.03
N SER D 6 -14.76 7.03 -43.03
CA SER D 6 -15.35 5.72 -42.66
CA SER D 6 -15.39 5.74 -42.66
C SER D 6 -14.83 5.29 -41.29
C SER D 6 -14.83 5.27 -41.30
N TYR D 7 -15.69 4.64 -40.49
CA TYR D 7 -15.31 4.02 -39.21
C TYR D 7 -15.75 2.56 -39.19
N ARG D 8 -14.84 1.69 -38.75
CA ARG D 8 -15.09 0.25 -38.49
C ARG D 8 -14.50 -0.10 -37.13
N VAL D 9 -14.90 -1.24 -36.56
CA VAL D 9 -14.35 -1.76 -35.29
C VAL D 9 -13.96 -3.20 -35.56
N LYS D 10 -12.85 -3.61 -34.97
CA LYS D 10 -12.33 -4.98 -35.00
C LYS D 10 -11.99 -5.35 -33.56
N ARG D 11 -12.38 -6.57 -33.18
CA ARG D 11 -12.04 -7.20 -31.88
C ARG D 11 -10.80 -8.07 -32.09
N MET D 12 -9.62 -7.48 -32.00
CA MET D 12 -8.36 -8.19 -32.23
C MET D 12 -7.23 -7.31 -31.76
N ASP D 13 -6.06 -7.91 -31.71
CA ASP D 13 -4.80 -7.27 -31.27
C ASP D 13 -4.44 -6.23 -32.33
N ILE D 14 -4.37 -4.97 -31.95
CA ILE D 14 -4.01 -3.85 -32.86
C ILE D 14 -2.61 -4.07 -33.42
N ALA D 15 -1.78 -4.85 -32.75
CA ALA D 15 -0.42 -5.20 -33.24
C ALA D 15 -0.56 -6.01 -34.54
N LYS D 16 -1.74 -6.51 -34.89
CA LYS D 16 -1.97 -7.30 -36.12
C LYS D 16 -2.92 -6.56 -37.06
N ASN D 17 -2.98 -5.23 -36.99
CA ASN D 17 -3.90 -4.42 -37.80
C ASN D 17 -3.59 -4.53 -39.29
N ASP D 18 -4.57 -4.22 -40.12
CA ASP D 18 -4.49 -4.26 -41.60
C ASP D 18 -4.55 -2.85 -42.13
N GLU D 19 -4.04 -1.87 -41.40
CA GLU D 19 -4.09 -0.46 -41.82
C GLU D 19 -2.70 0.10 -42.09
N GLU D 20 -2.64 1.28 -42.70
CA GLU D 20 -1.35 1.88 -43.17
C GLU D 20 -0.53 2.45 -42.02
N CYS D 21 -1.10 2.60 -40.83
CA CYS D 21 -0.35 3.15 -39.69
C CYS D 21 -1.13 2.81 -38.43
N VAL D 22 -0.46 2.93 -37.29
CA VAL D 22 -1.05 2.51 -36.00
C VAL D 22 -0.88 3.66 -35.03
N VAL D 23 -1.89 3.78 -34.17
CA VAL D 23 -1.83 4.68 -33.00
C VAL D 23 -1.54 3.82 -31.77
N ASN D 24 -0.47 4.14 -31.08
CA ASN D 24 -0.10 3.52 -29.82
C ASN D 24 -0.78 4.27 -28.68
N ALA D 25 -1.38 3.52 -27.74
CA ALA D 25 -1.83 4.12 -26.44
C ALA D 25 -0.62 4.16 -25.53
N ALA D 26 0.17 5.19 -25.74
CA ALA D 26 1.53 5.32 -25.18
C ALA D 26 1.54 5.92 -23.77
N ASN D 27 2.65 5.78 -23.10
CA ASN D 27 2.90 6.48 -21.85
C ASN D 27 3.80 7.66 -22.22
N PRO D 28 3.93 8.65 -21.34
CA PRO D 28 4.72 9.81 -21.68
C PRO D 28 6.22 9.56 -21.80
N ARG D 29 6.68 8.45 -21.24
CA ARG D 29 8.15 8.19 -21.08
C ARG D 29 8.67 7.32 -22.22
N GLY D 30 7.80 6.84 -23.10
CA GLY D 30 8.24 5.92 -24.17
C GLY D 30 8.66 4.59 -23.60
N LEU D 31 8.10 4.17 -22.45
CA LEU D 31 8.38 2.85 -21.87
C LEU D 31 7.51 1.80 -22.56
N PRO D 32 7.92 0.53 -22.52
CA PRO D 32 7.09 -0.55 -23.07
C PRO D 32 5.67 -0.64 -22.51
N GLY D 33 5.52 -0.34 -21.22
CA GLY D 33 4.20 -0.24 -20.58
C GLY D 33 3.45 -1.56 -20.49
N ASP D 34 2.14 -1.50 -20.70
CA ASP D 34 1.20 -2.65 -20.57
C ASP D 34 0.09 -2.49 -21.62
N GLY D 35 -0.76 -3.51 -21.77
CA GLY D 35 -1.88 -3.47 -22.72
C GLY D 35 -1.39 -3.24 -24.16
N VAL D 36 -2.13 -2.38 -24.83
CA VAL D 36 -1.84 -1.99 -26.24
C VAL D 36 -0.36 -1.62 -26.29
N CYS D 37 0.12 -0.80 -25.37
CA CYS D 37 1.49 -0.27 -25.45
C CYS D 37 2.51 -1.41 -25.51
N LYS D 38 2.32 -2.44 -24.69
CA LYS D 38 3.25 -3.60 -24.62
C LYS D 38 3.21 -4.34 -25.96
N ALA D 39 2.02 -4.52 -26.53
CA ALA D 39 1.83 -5.24 -27.82
C ALA D 39 2.52 -4.45 -28.94
N VAL D 40 2.41 -3.13 -28.90
CA VAL D 40 3.03 -2.20 -29.88
C VAL D 40 4.54 -2.32 -29.70
N TYR D 41 5.03 -2.38 -28.46
CA TYR D 41 6.47 -2.50 -28.20
C TYR D 41 7.02 -3.83 -28.75
N LYS D 42 6.28 -4.91 -28.58
CA LYS D 42 6.74 -6.23 -29.08
C LYS D 42 6.78 -6.23 -30.61
N LYS D 43 5.82 -5.57 -31.25
CA LYS D 43 5.66 -5.61 -32.73
C LYS D 43 6.58 -4.61 -33.42
N TRP D 44 6.69 -3.40 -32.89
CA TRP D 44 7.40 -2.28 -33.53
C TRP D 44 8.37 -1.65 -32.53
N PRO D 45 9.32 -2.40 -31.92
CA PRO D 45 10.16 -1.84 -30.88
C PRO D 45 11.00 -0.67 -31.40
N GLU D 46 11.38 -0.66 -32.69
CA GLU D 46 12.23 0.43 -33.22
C GLU D 46 11.50 1.76 -33.11
N SER D 47 10.15 1.71 -33.05
CA SER D 47 9.33 2.94 -33.02
C SER D 47 9.40 3.64 -31.65
N PHE D 48 10.06 3.03 -30.66
CA PHE D 48 10.21 3.65 -29.32
C PHE D 48 11.47 4.48 -29.18
N LYS D 49 12.24 4.64 -30.26
CA LYS D 49 13.39 5.60 -30.28
C LYS D 49 12.78 7.00 -30.09
N ASN D 50 13.18 7.65 -28.97
CA ASN D 50 12.74 9.02 -28.69
C ASN D 50 11.26 9.20 -28.96
N SER D 51 10.47 8.25 -28.46
CA SER D 51 8.98 8.27 -28.52
C SER D 51 8.40 9.12 -27.38
N ALA D 52 9.17 9.36 -26.31
CA ALA D 52 8.66 10.11 -25.12
C ALA D 52 8.06 11.42 -25.59
N THR D 53 6.86 11.75 -25.06
CA THR D 53 6.15 12.99 -25.43
C THR D 53 5.17 13.27 -24.31
N PRO D 54 4.75 14.53 -24.16
CA PRO D 54 3.91 14.82 -23.02
C PRO D 54 2.48 14.29 -23.19
N VAL D 55 1.78 14.27 -22.05
CA VAL D 55 0.32 13.98 -22.06
C VAL D 55 -0.39 14.95 -23.00
N GLY D 56 -1.37 14.45 -23.73
CA GLY D 56 -2.17 15.22 -24.69
C GLY D 56 -1.49 15.47 -26.01
N THR D 57 -0.37 14.82 -26.26
CA THR D 57 0.39 14.96 -27.53
C THR D 57 0.48 13.63 -28.26
N ALA D 58 0.82 13.74 -29.54
CA ALA D 58 1.17 12.55 -30.35
C ALA D 58 2.53 12.77 -31.02
N LYS D 59 3.32 11.74 -31.03
CA LYS D 59 4.66 11.76 -31.67
C LYS D 59 4.77 10.52 -32.53
N THR D 60 5.02 10.75 -33.83
CA THR D 60 5.12 9.65 -34.81
C THR D 60 6.58 9.25 -34.95
N VAL D 61 6.83 7.96 -34.85
CA VAL D 61 8.17 7.37 -35.08
C VAL D 61 7.96 6.22 -36.04
N MET D 62 8.80 6.17 -37.08
CA MET D 62 8.74 5.08 -38.08
C MET D 62 9.37 3.80 -37.54
N CYS D 63 8.75 2.69 -37.85
CA CYS D 63 9.38 1.37 -37.76
C CYS D 63 9.53 0.89 -39.20
N GLY D 64 10.74 0.95 -39.75
CA GLY D 64 10.87 0.80 -41.21
C GLY D 64 10.21 1.98 -41.86
N THR D 65 9.17 1.74 -42.68
CA THR D 65 8.37 2.81 -43.27
C THR D 65 6.95 2.80 -42.65
N TYR D 66 6.75 1.99 -41.61
CA TYR D 66 5.41 1.87 -40.98
C TYR D 66 5.32 2.89 -39.85
N PRO D 67 4.38 3.87 -39.92
CA PRO D 67 4.29 4.91 -38.91
C PRO D 67 3.55 4.45 -37.64
N VAL D 68 4.20 4.69 -36.51
CA VAL D 68 3.60 4.42 -35.16
C VAL D 68 3.39 5.80 -34.54
N ILE D 69 2.13 6.17 -34.34
CA ILE D 69 1.72 7.49 -33.80
C ILE D 69 1.55 7.24 -32.31
N HIS D 70 2.52 7.63 -31.51
CA HIS D 70 2.45 7.44 -30.04
C HIS D 70 1.59 8.55 -29.46
N ALA D 71 0.37 8.22 -29.01
CA ALA D 71 -0.58 9.21 -28.50
C ALA D 71 -0.70 9.01 -27.00
N VAL D 72 -0.47 10.07 -26.25
CA VAL D 72 -0.45 9.94 -24.77
C VAL D 72 -1.76 10.50 -24.19
N GLY D 73 -2.66 9.61 -23.93
CA GLY D 73 -3.89 9.99 -23.19
C GLY D 73 -3.54 10.21 -21.74
N PRO D 74 -4.38 10.95 -21.01
CA PRO D 74 -4.17 11.13 -19.59
C PRO D 74 -4.48 9.90 -18.77
N ASN D 75 -3.76 9.73 -17.68
CA ASN D 75 -4.10 8.71 -16.66
C ASN D 75 -5.09 9.36 -15.70
N PHE D 76 -6.35 8.93 -15.76
CA PHE D 76 -7.38 9.48 -14.84
C PHE D 76 -7.16 9.09 -13.38
N SER D 77 -6.23 8.22 -13.02
CA SER D 77 -5.78 8.12 -11.61
C SER D 77 -5.09 9.41 -11.17
N ASN D 78 -4.47 10.17 -12.08
CA ASN D 78 -3.66 11.36 -11.74
C ASN D 78 -4.43 12.64 -12.00
N TYR D 79 -5.21 12.68 -13.10
CA TYR D 79 -5.92 13.88 -13.58
C TYR D 79 -7.32 13.91 -12.98
N THR D 80 -7.79 15.13 -12.69
CA THR D 80 -9.24 15.30 -12.43
C THR D 80 -10.04 14.94 -13.66
N GLU D 81 -11.33 14.68 -13.49
CA GLU D 81 -12.21 14.48 -14.66
C GLU D 81 -12.12 15.66 -15.62
N SER D 82 -12.18 16.90 -15.12
CA SER D 82 -12.17 18.12 -15.94
C SER D 82 -10.83 18.21 -16.73
N GLU D 83 -9.71 18.12 -16.03
CA GLU D 83 -8.40 18.34 -16.74
C GLU D 83 -8.12 17.16 -17.67
N GLY D 84 -8.45 15.95 -17.23
CA GLY D 84 -8.29 14.73 -18.03
C GLY D 84 -9.11 14.78 -19.29
N ASP D 85 -10.35 15.23 -19.21
CA ASP D 85 -11.18 15.31 -20.43
C ASP D 85 -10.53 16.18 -21.50
N ARG D 86 -9.96 17.32 -21.10
CA ARG D 86 -9.29 18.26 -22.04
C ARG D 86 -8.10 17.51 -22.66
N GLU D 87 -7.29 16.85 -21.83
CA GLU D 87 -6.07 16.18 -22.34
C GLU D 87 -6.46 15.02 -23.24
N LEU D 88 -7.57 14.34 -23.00
CA LEU D 88 -7.97 13.21 -23.85
C LEU D 88 -8.40 13.76 -25.20
N ALA D 89 -9.19 14.83 -25.23
CA ALA D 89 -9.54 15.52 -26.48
C ALA D 89 -8.28 15.90 -27.24
N ALA D 90 -7.30 16.47 -26.54
CA ALA D 90 -6.04 17.00 -27.14
C ALA D 90 -5.25 15.85 -27.76
N ALA D 91 -5.13 14.72 -27.08
CA ALA D 91 -4.36 13.58 -27.63
C ALA D 91 -4.99 13.18 -28.96
N TYR D 92 -6.29 13.01 -29.03
CA TYR D 92 -6.94 12.62 -30.29
C TYR D 92 -6.82 13.70 -31.38
N ARG D 93 -6.93 14.97 -31.00
CA ARG D 93 -6.70 16.13 -31.91
C ARG D 93 -5.31 15.98 -32.56
N GLU D 94 -4.30 15.67 -31.75
CA GLU D 94 -2.91 15.55 -32.25
C GLU D 94 -2.79 14.31 -33.14
N VAL D 95 -3.45 13.21 -32.79
CA VAL D 95 -3.50 12.00 -33.66
C VAL D 95 -4.04 12.40 -35.04
N ALA D 96 -5.18 13.06 -35.08
CA ALA D 96 -5.83 13.47 -36.36
C ALA D 96 -4.86 14.30 -37.20
N LYS D 97 -4.14 15.24 -36.58
CA LYS D 97 -3.18 16.14 -37.27
C LYS D 97 -2.02 15.32 -37.86
N GLU D 98 -1.60 14.26 -37.17
CA GLU D 98 -0.54 13.35 -37.70
C GLU D 98 -1.08 12.49 -38.84
N VAL D 99 -2.26 11.91 -38.70
CA VAL D 99 -2.89 11.12 -39.78
C VAL D 99 -2.94 11.97 -41.06
N THR D 100 -3.41 13.21 -40.97
CA THR D 100 -3.55 14.10 -42.15
C THR D 100 -2.16 14.37 -42.71
N ARG D 101 -1.19 14.70 -41.85
CA ARG D 101 0.18 15.06 -42.29
C ARG D 101 0.84 13.87 -43.00
N LEU D 102 0.64 12.66 -42.52
CA LEU D 102 1.29 11.45 -43.10
C LEU D 102 0.62 11.09 -44.44
N GLY D 103 -0.61 11.54 -44.67
CA GLY D 103 -1.39 11.32 -45.92
C GLY D 103 -1.79 9.88 -46.11
N VAL D 104 -1.87 9.11 -45.03
CA VAL D 104 -2.32 7.70 -45.08
C VAL D 104 -3.77 7.61 -45.53
N ASN D 105 -4.11 6.45 -46.04
CA ASN D 105 -5.51 6.10 -46.39
C ASN D 105 -6.25 5.51 -45.20
N SER D 106 -5.54 4.95 -44.24
CA SER D 106 -6.19 4.18 -43.15
C SER D 106 -5.31 4.26 -41.91
N VAL D 107 -5.95 4.12 -40.76
CA VAL D 107 -5.27 4.16 -39.44
C VAL D 107 -5.99 3.21 -38.51
N ALA D 108 -5.23 2.43 -37.76
CA ALA D 108 -5.62 1.56 -36.65
C ALA D 108 -5.52 2.37 -35.37
N ILE D 109 -6.59 2.45 -34.58
N ILE D 109 -6.63 2.46 -34.62
CA ILE D 109 -6.63 3.36 -33.38
CA ILE D 109 -6.70 3.29 -33.38
C ILE D 109 -7.32 2.64 -32.22
C ILE D 109 -7.27 2.47 -32.23
N PRO D 110 -6.70 2.59 -31.02
CA PRO D 110 -7.33 2.07 -29.83
C PRO D 110 -8.05 3.18 -29.10
N LEU D 111 -8.90 2.81 -28.13
CA LEU D 111 -9.60 3.84 -27.32
C LEU D 111 -8.68 4.27 -26.18
N LEU D 112 -8.14 5.46 -26.33
CA LEU D 112 -7.17 6.01 -25.37
C LEU D 112 -7.82 6.16 -23.98
N SER D 113 -7.06 5.90 -22.97
CA SER D 113 -7.42 6.16 -21.54
C SER D 113 -8.54 5.22 -21.08
N THR D 114 -8.77 4.09 -21.77
CA THR D 114 -9.85 3.13 -21.39
C THR D 114 -9.34 1.91 -20.61
N GLY D 115 -8.05 1.67 -20.55
CA GLY D 115 -7.44 0.54 -19.85
C GLY D 115 -6.94 0.98 -18.50
N VAL D 116 -5.66 0.77 -18.22
CA VAL D 116 -5.07 1.10 -16.90
C VAL D 116 -5.02 2.63 -16.69
N TYR D 117 -5.22 3.46 -17.71
CA TYR D 117 -5.34 4.93 -17.51
C TYR D 117 -6.80 5.35 -17.23
N SER D 118 -7.74 4.41 -17.08
CA SER D 118 -9.18 4.77 -16.93
C SER D 118 -9.51 5.21 -15.49
N GLY D 119 -8.62 5.03 -14.53
CA GLY D 119 -8.91 5.38 -13.14
C GLY D 119 -10.04 4.51 -12.62
N GLY D 120 -10.19 3.31 -13.18
CA GLY D 120 -11.16 2.27 -12.74
C GLY D 120 -12.58 2.54 -13.21
N LYS D 121 -12.77 3.46 -14.14
CA LYS D 121 -14.08 3.89 -14.70
C LYS D 121 -14.22 3.38 -16.13
N ASP D 122 -15.47 3.13 -16.53
CA ASP D 122 -15.81 2.77 -17.94
C ASP D 122 -15.82 4.06 -18.74
N ARG D 123 -14.83 4.24 -19.63
CA ARG D 123 -14.67 5.42 -20.49
C ARG D 123 -14.85 5.11 -21.97
N LEU D 124 -15.54 4.02 -22.32
CA LEU D 124 -15.81 3.70 -23.74
C LEU D 124 -16.43 4.91 -24.42
N THR D 125 -17.59 5.41 -23.93
CA THR D 125 -18.35 6.48 -24.62
C THR D 125 -17.51 7.76 -24.72
N GLN D 126 -16.90 8.13 -23.60
CA GLN D 126 -16.06 9.34 -23.48
C GLN D 126 -14.93 9.28 -24.51
N SER D 127 -14.17 8.19 -24.47
CA SER D 127 -13.01 8.05 -25.38
C SER D 127 -13.45 8.03 -26.85
N LEU D 128 -14.49 7.24 -27.15
CA LEU D 128 -15.04 7.15 -28.53
C LEU D 128 -15.55 8.50 -29.00
N ASN D 129 -16.19 9.30 -28.11
CA ASN D 129 -16.71 10.61 -28.53
C ASN D 129 -15.56 11.54 -28.91
N HIS D 130 -14.46 11.54 -28.17
CA HIS D 130 -13.29 12.38 -28.53
C HIS D 130 -12.62 11.87 -29.82
N LEU D 131 -12.58 10.55 -29.98
CA LEU D 131 -12.03 9.92 -31.23
C LEU D 131 -12.82 10.42 -32.45
N PHE D 132 -14.14 10.32 -32.40
CA PHE D 132 -14.98 10.73 -33.56
C PHE D 132 -14.77 12.22 -33.81
N THR D 133 -14.81 13.04 -32.75
CA THR D 133 -14.66 14.52 -32.91
C THR D 133 -13.38 14.83 -33.67
N ALA D 134 -12.28 14.21 -33.27
CA ALA D 134 -10.99 14.50 -33.89
C ALA D 134 -10.92 13.89 -35.29
N MET D 135 -11.32 12.64 -35.44
CA MET D 135 -11.00 11.87 -36.67
C MET D 135 -11.99 12.30 -37.74
N ASP D 136 -13.12 12.91 -37.37
CA ASP D 136 -14.08 13.41 -38.41
C ASP D 136 -13.38 14.46 -39.27
N SER D 137 -12.30 15.06 -38.81
CA SER D 137 -11.63 16.15 -39.56
C SER D 137 -10.65 15.57 -40.59
N THR D 138 -10.44 14.25 -40.59
CA THR D 138 -9.57 13.55 -41.59
C THR D 138 -10.46 12.91 -42.68
N ASP D 139 -9.82 12.33 -43.71
CA ASP D 139 -10.50 11.60 -44.82
C ASP D 139 -10.16 10.11 -44.73
N ALA D 140 -9.42 9.68 -43.70
CA ALA D 140 -8.86 8.32 -43.59
C ALA D 140 -9.96 7.35 -43.19
N ASP D 141 -9.82 6.11 -43.64
CA ASP D 141 -10.54 4.96 -43.09
C ASP D 141 -9.99 4.73 -41.69
N VAL D 142 -10.86 4.81 -40.69
CA VAL D 142 -10.47 4.60 -39.29
C VAL D 142 -10.96 3.25 -38.84
N VAL D 143 -10.09 2.43 -38.31
CA VAL D 143 -10.40 1.11 -37.76
C VAL D 143 -10.04 1.11 -36.26
N ILE D 144 -11.08 1.06 -35.44
CA ILE D 144 -10.95 1.05 -33.97
C ILE D 144 -10.76 -0.37 -33.51
N TYR D 145 -9.79 -0.60 -32.63
CA TYR D 145 -9.41 -1.93 -32.13
C TYR D 145 -9.85 -2.03 -30.67
N CYS D 146 -10.50 -3.13 -30.29
CA CYS D 146 -10.86 -3.45 -28.87
C CYS D 146 -10.64 -4.93 -28.63
N ARG D 147 -10.72 -5.39 -27.38
CA ARG D 147 -10.46 -6.83 -27.06
C ARG D 147 -11.69 -7.53 -26.46
N ASP D 148 -12.76 -6.78 -26.19
CA ASP D 148 -13.95 -7.29 -25.46
C ASP D 148 -15.17 -7.29 -26.39
N LYS D 149 -15.98 -8.35 -26.34
CA LYS D 149 -17.18 -8.53 -27.20
C LYS D 149 -18.20 -7.43 -26.89
N GLU D 150 -18.43 -7.14 -25.60
CA GLU D 150 -19.43 -6.10 -25.21
C GLU D 150 -18.96 -4.74 -25.75
N TRP D 151 -17.66 -4.46 -25.65
CA TRP D 151 -17.11 -3.18 -26.15
C TRP D 151 -17.22 -3.15 -27.68
N GLU D 152 -16.91 -4.26 -28.35
CA GLU D 152 -17.07 -4.34 -29.83
C GLU D 152 -18.50 -3.96 -30.24
N LYS D 153 -19.50 -4.59 -29.62
CA LYS D 153 -20.93 -4.33 -29.93
C LYS D 153 -21.23 -2.86 -29.67
N LYS D 154 -20.82 -2.36 -28.49
CA LYS D 154 -21.09 -0.98 -28.03
C LYS D 154 -20.48 0.02 -29.02
N ILE D 155 -19.24 -0.23 -29.47
CA ILE D 155 -18.53 0.64 -30.44
C ILE D 155 -19.24 0.59 -31.80
N SER D 156 -19.58 -0.61 -32.25
CA SER D 156 -20.29 -0.85 -33.53
C SER D 156 -21.63 -0.09 -33.54
N GLU D 157 -22.39 -0.18 -32.43
CA GLU D 157 -23.66 0.56 -32.29
C GLU D 157 -23.41 2.07 -32.37
N ALA D 158 -22.35 2.56 -31.72
CA ALA D 158 -22.05 4.01 -31.75
C ALA D 158 -21.74 4.43 -33.19
N ILE D 159 -21.01 3.60 -33.93
CA ILE D 159 -20.70 3.88 -35.36
C ILE D 159 -22.03 3.92 -36.13
N GLN D 160 -22.86 2.89 -35.93
CA GLN D 160 -24.15 2.72 -36.66
C GLN D 160 -25.01 3.96 -36.42
N MET D 161 -25.10 4.40 -35.17
CA MET D 161 -26.05 5.48 -34.73
C MET D 161 -25.68 6.86 -35.32
N ARG D 162 -24.46 7.09 -35.82
CA ARG D 162 -24.06 8.42 -36.38
C ARG D 162 -24.41 8.53 -37.86
N THR D 163 -24.64 7.40 -38.53
CA THR D 163 -24.85 7.33 -40.00
C THR D 163 -26.28 7.82 -40.29
S DMS E . -7.63 -4.20 2.58
O DMS E . -6.75 -4.57 1.34
C1 DMS E . -7.63 -5.58 3.63
C2 DMS E . -9.34 -4.29 2.04
S DMS F . -9.84 -23.20 0.26
O DMS F . -10.12 -22.34 -0.90
C1 DMS F . -8.51 -24.18 -0.34
C2 DMS F . -11.06 -24.45 0.08
S DMS G . -9.70 -26.83 12.58
O DMS G . -8.45 -27.07 11.73
C1 DMS G . -9.16 -26.66 14.26
C2 DMS G . -10.51 -28.39 12.77
C TRS H . 1.66 -32.57 -9.37
C1 TRS H . 2.66 -32.29 -8.25
C2 TRS H . 1.44 -31.36 -10.28
C3 TRS H . 2.11 -33.77 -10.22
N TRS H . 0.34 -32.90 -8.73
O1 TRS H . 2.81 -33.39 -7.33
O2 TRS H . 2.59 -31.02 -11.03
O3 TRS H . 1.00 -34.45 -10.80
S DMS I . 7.19 -13.59 -8.52
O DMS I . 8.02 -13.90 -7.30
C1 DMS I . 5.56 -13.21 -7.99
C2 DMS I . 6.87 -15.14 -9.32
S DMS J . -7.61 -23.61 6.67
O DMS J . -6.32 -23.32 5.89
C1 DMS J . -8.45 -22.07 6.73
C2 DMS J . -7.16 -23.73 8.38
S DMS K . 5.88 -19.65 20.54
O DMS K . 6.84 -19.10 21.54
C1 DMS K . 4.39 -20.01 21.43
C2 DMS K . 6.38 -21.32 20.21
CL CL L . -7.83 -26.46 3.87
CL CL M . -6.76 -23.96 13.32
CL CL N . -7.51 -11.97 14.31
S DMS O . -7.66 -14.93 18.20
O DMS O . -8.10 -15.56 16.89
C1 DMS O . -6.92 -13.36 17.74
C2 DMS O . -9.11 -14.25 19.02
S DMS P . -12.65 5.87 22.54
O DMS P . -11.59 5.47 23.65
C1 DMS P . -12.02 5.21 21.11
C2 DMS P . -12.42 7.59 22.25
S DMS Q . -15.83 11.86 20.97
O DMS Q . -14.86 11.37 22.01
C1 DMS Q . -15.08 13.29 20.22
C2 DMS Q . -17.11 12.72 21.85
CL CL R . -11.77 12.06 20.16
CL CL S . -14.57 4.43 25.70
C1 HUH T . -14.11 0.42 25.14
C2 HUH T . -14.06 -0.87 25.54
N4 HUH T . -14.34 -0.78 23.35
N3 HUH T . -14.20 -1.57 24.41
N5 HUH T . -14.29 0.46 23.79
S DMS U . -17.80 -3.66 24.76
O DMS U . -16.89 -2.55 24.30
C1 DMS U . -17.53 -3.83 26.49
C2 DMS U . -17.02 -5.16 24.23
S DMS V . 14.58 9.72 3.49
O DMS V . 13.15 9.79 2.98
C1 DMS V . 15.60 10.48 2.26
C2 DMS V . 14.72 10.96 4.76
CL CL W . 20.42 7.86 0.39
CL CL X . -2.43 8.99 10.05
CL CL Y . 12.07 8.22 5.91
S DMS Z . 16.27 30.03 4.75
O DMS Z . 14.81 29.70 4.79
C1 DMS Z . 17.01 28.92 3.59
C2 DMS Z . 16.98 29.33 6.22
S DMS AA . 10.69 11.72 9.04
O DMS AA . 9.47 12.02 8.21
C1 DMS AA . 10.87 13.08 10.17
C2 DMS AA . 12.10 12.07 8.01
S DMS BA . -0.02 -1.77 -4.21
O DMS BA . 0.66 -2.19 -2.93
C1 DMS BA . -1.46 -0.84 -3.75
C2 DMS BA . -0.87 -3.20 -4.85
C1 HUH CA . 19.45 6.13 4.32
C2 HUH CA . 20.04 6.74 3.27
N4 HUH CA . 20.78 4.66 3.44
N3 HUH CA . 20.84 5.80 2.75
N5 HUH CA . 19.92 4.87 4.41
S DMS DA . -6.71 0.92 -23.62
O DMS DA . -5.91 -0.18 -22.98
C1 DMS DA . -7.79 0.13 -24.79
C2 DMS DA . -5.62 1.67 -24.79
C TRS EA . -0.12 19.82 -22.76
C1 TRS EA . 0.13 21.05 -21.90
C2 TRS EA . -1.39 20.02 -23.58
C3 TRS EA . 1.07 19.55 -23.68
N TRS EA . -0.31 18.64 -21.85
O1 TRS EA . -0.81 21.14 -20.83
O2 TRS EA . -1.77 18.83 -24.26
O3 TRS EA . 2.25 19.22 -22.96
S DMS FA . 7.63 -9.52 -34.16
O DMS FA . 6.13 -9.25 -34.00
C1 DMS FA . 8.26 -9.90 -32.54
C2 DMS FA . 8.45 -7.93 -34.42
S DMS GA . 7.96 11.26 -38.81
O DMS GA . 6.66 10.88 -39.45
C1 DMS GA . 8.54 9.84 -37.92
C2 DMS GA . 7.57 12.30 -37.42
CL CL HA . -11.60 -3.48 -24.97
CL CL IA . -5.05 3.02 -21.19
C1 HUH JA . 0.45 3.58 -21.35
C2 HUH JA . -0.62 2.77 -21.10
N4 HUH JA . 1.28 1.63 -20.92
N3 HUH JA . -0.06 1.58 -20.84
N5 HUH JA . 1.59 2.85 -21.24
S DMS KA . 2.78 2.95 -17.39
O DMS KA . 3.66 2.51 -18.52
C1 DMS KA . 1.19 2.25 -17.74
C2 DMS KA . 2.39 4.64 -17.71
#